data_1Q17
#
_entry.id   1Q17
#
_cell.length_a   146.159
_cell.length_b   109.682
_cell.length_c   85.825
_cell.angle_alpha   90.00
_cell.angle_beta   104.90
_cell.angle_gamma   90.00
#
_symmetry.space_group_name_H-M   'C 1 2 1'
#
loop_
_entity.id
_entity.type
_entity.pdbx_description
1 polymer 'HST2 protein'
2 non-polymer 'ZINC ION'
3 non-polymer 'CHLORIDE ION'
4 non-polymer ADENOSINE-5-DIPHOSPHORIBOSE
5 water water
#
_entity_poly.entity_id   1
_entity_poly.type   'polypeptide(L)'
_entity_poly.pdbx_seq_one_letter_code
;HHGMASMSVSTASTEMSVRKIAAHMKSNPNAKVIFMVGAGISTSCGIPDFRSPGTGLYHNLARLKLPYPEAVFDVDFFQS
DPLPFYTLAKELYPGNFRPSKFHYLLKLFQDKDVLKRVYTQNIDTLERQAGVKDDLIIEAHGSFAHCHCIGCGKVYPPQV
FKSKLAEHPIKDFVKCDVCGELVKPAIVFFGEDLPDSFSETWLNDSEWLREKITTSGKHPQQPLVIVVGTSLAVYPFASL
PEEIPRKVKRVLCNLETVGDFKANKRPTDLIVHQYSDEFAEQLVEELGWQEDFEKILTAQ
;
_entity_poly.pdbx_strand_id   A,B,C
#
# COMPACT_ATOMS: atom_id res chain seq x y z
N GLY A 3 -3.49 -12.59 -26.92
CA GLY A 3 -2.19 -12.99 -26.31
C GLY A 3 -2.07 -12.58 -24.85
N MET A 4 -0.84 -12.42 -24.37
CA MET A 4 -0.61 -12.02 -22.99
C MET A 4 -0.30 -10.53 -22.86
N ALA A 5 0.16 -9.91 -23.95
CA ALA A 5 0.48 -8.49 -23.95
C ALA A 5 -0.59 -7.64 -24.63
N SER A 6 -1.84 -8.09 -24.55
CA SER A 6 -2.97 -7.38 -25.16
C SER A 6 -3.76 -6.60 -24.11
N MET A 7 -4.73 -5.81 -24.56
CA MET A 7 -5.57 -5.02 -23.67
C MET A 7 -6.20 -5.91 -22.59
N SER A 8 -5.86 -5.64 -21.34
CA SER A 8 -6.37 -6.43 -20.22
C SER A 8 -6.52 -5.63 -18.94
N VAL A 9 -7.45 -6.06 -18.09
CA VAL A 9 -7.66 -5.38 -16.82
C VAL A 9 -6.75 -5.92 -15.73
N SER A 10 -6.85 -5.28 -14.58
CA SER A 10 -6.10 -5.65 -13.39
C SER A 10 -7.01 -5.16 -12.29
N THR A 11 -7.95 -4.32 -12.70
CA THR A 11 -8.94 -3.73 -11.81
C THR A 11 -10.27 -3.73 -12.56
N ALA A 12 -10.93 -4.88 -12.61
CA ALA A 12 -12.20 -5.00 -13.33
C ALA A 12 -13.37 -5.03 -12.39
N SER A 13 -14.57 -5.09 -12.96
CA SER A 13 -15.78 -5.15 -12.17
C SER A 13 -15.91 -6.59 -11.70
N THR A 14 -16.77 -6.77 -10.70
CA THR A 14 -17.02 -8.10 -10.15
C THR A 14 -17.51 -9.05 -11.24
N GLU A 15 -18.50 -8.61 -12.01
CA GLU A 15 -19.05 -9.45 -13.08
C GLU A 15 -17.96 -9.93 -14.03
N MET A 16 -17.10 -9.02 -14.49
CA MET A 16 -16.04 -9.42 -15.40
C MET A 16 -15.06 -10.38 -14.74
N SER A 17 -14.61 -10.04 -13.54
CA SER A 17 -13.66 -10.92 -12.85
C SER A 17 -14.20 -12.35 -12.74
N VAL A 18 -15.43 -12.50 -12.26
CA VAL A 18 -16.02 -13.82 -12.16
C VAL A 18 -15.99 -14.47 -13.53
N ARG A 19 -16.28 -13.67 -14.55
CA ARG A 19 -16.30 -14.14 -15.93
C ARG A 19 -14.92 -14.67 -16.34
N LYS A 20 -13.86 -13.96 -15.95
CA LYS A 20 -12.52 -14.38 -16.29
C LYS A 20 -12.09 -15.63 -15.53
N ILE A 21 -12.49 -15.74 -14.27
CA ILE A 21 -12.13 -16.91 -13.48
C ILE A 21 -12.72 -18.14 -14.14
N ALA A 22 -14.02 -18.08 -14.42
CA ALA A 22 -14.72 -19.19 -15.05
C ALA A 22 -14.08 -19.53 -16.40
N ALA A 23 -13.76 -18.50 -17.17
CA ALA A 23 -13.12 -18.68 -18.47
C ALA A 23 -11.83 -19.48 -18.31
N HIS A 24 -11.00 -19.05 -17.36
CA HIS A 24 -9.73 -19.72 -17.11
C HIS A 24 -9.94 -21.21 -16.92
N MET A 25 -10.89 -21.55 -16.04
CA MET A 25 -11.19 -22.94 -15.77
C MET A 25 -11.66 -23.68 -17.02
N LYS A 26 -12.41 -23.00 -17.88
CA LYS A 26 -12.89 -23.63 -19.11
C LYS A 26 -11.76 -23.89 -20.09
N SER A 27 -10.74 -23.03 -20.06
CA SER A 27 -9.59 -23.19 -20.94
C SER A 27 -8.69 -24.30 -20.41
N ASN A 28 -8.73 -24.50 -19.09
CA ASN A 28 -7.92 -25.53 -18.45
C ASN A 28 -8.82 -26.49 -17.66
N PRO A 29 -9.57 -27.35 -18.37
CA PRO A 29 -10.51 -28.35 -17.83
C PRO A 29 -9.91 -29.40 -16.90
N ASN A 30 -8.62 -29.65 -17.06
CA ASN A 30 -7.94 -30.64 -16.23
C ASN A 30 -7.17 -29.99 -15.10
N ALA A 31 -7.06 -28.67 -15.16
CA ALA A 31 -6.36 -27.93 -14.12
C ALA A 31 -7.22 -27.95 -12.86
N LYS A 32 -6.57 -27.90 -11.70
CA LYS A 32 -7.28 -27.91 -10.43
C LYS A 32 -7.09 -26.58 -9.72
N VAL A 33 -7.81 -26.39 -8.63
CA VAL A 33 -7.72 -25.15 -7.87
C VAL A 33 -7.32 -25.39 -6.43
N ILE A 34 -6.65 -24.39 -5.86
CA ILE A 34 -6.22 -24.43 -4.47
C ILE A 34 -6.88 -23.25 -3.79
N PHE A 35 -7.63 -23.48 -2.72
CA PHE A 35 -8.25 -22.39 -2.01
C PHE A 35 -7.49 -22.09 -0.73
N MET A 36 -7.55 -20.84 -0.30
CA MET A 36 -6.90 -20.37 0.91
C MET A 36 -7.92 -19.49 1.57
N VAL A 37 -8.58 -20.02 2.60
CA VAL A 37 -9.64 -19.29 3.25
C VAL A 37 -9.48 -18.92 4.73
N GLY A 38 -10.36 -18.03 5.17
CA GLY A 38 -10.37 -17.56 6.53
C GLY A 38 -11.77 -17.35 7.04
N ALA A 39 -11.89 -16.66 8.18
CA ALA A 39 -13.17 -16.41 8.82
C ALA A 39 -14.29 -15.89 7.93
N GLY A 40 -13.92 -15.13 6.93
CA GLY A 40 -14.93 -14.55 6.04
C GLY A 40 -15.93 -15.49 5.41
N ILE A 41 -15.56 -16.75 5.20
CA ILE A 41 -16.48 -17.69 4.59
C ILE A 41 -17.48 -18.35 5.53
N SER A 42 -17.44 -18.00 6.81
CA SER A 42 -18.36 -18.57 7.82
C SER A 42 -19.19 -17.48 8.52
N THR A 43 -19.12 -16.27 7.98
CA THR A 43 -19.85 -15.12 8.51
C THR A 43 -21.35 -15.27 8.28
N SER A 44 -21.71 -15.79 7.11
CA SER A 44 -23.11 -15.98 6.78
C SER A 44 -23.72 -17.12 7.59
N CYS A 45 -22.89 -18.05 8.03
CA CYS A 45 -23.34 -19.19 8.82
C CYS A 45 -23.76 -18.75 10.22
N GLY A 46 -23.43 -17.51 10.58
CA GLY A 46 -23.79 -16.99 11.89
C GLY A 46 -22.58 -16.74 12.79
N ILE A 47 -21.40 -17.10 12.30
CA ILE A 47 -20.16 -16.93 13.04
C ILE A 47 -19.41 -15.66 12.59
N PRO A 48 -19.47 -14.58 13.37
CA PRO A 48 -18.79 -13.32 13.03
C PRO A 48 -17.28 -13.57 12.89
N ASP A 49 -16.59 -12.77 12.07
CA ASP A 49 -15.15 -12.96 11.91
C ASP A 49 -14.41 -12.41 13.11
N PHE A 50 -13.09 -12.36 13.03
CA PHE A 50 -12.31 -11.89 14.16
C PHE A 50 -12.02 -10.41 14.23
N ARG A 51 -11.61 -9.84 13.10
CA ARG A 51 -11.19 -8.44 13.10
C ARG A 51 -12.05 -7.31 12.57
N SER A 52 -13.14 -7.59 11.90
CA SER A 52 -14.02 -6.55 11.36
C SER A 52 -14.43 -5.54 12.43
N PRO A 53 -14.41 -4.24 12.10
CA PRO A 53 -14.77 -3.17 13.03
C PRO A 53 -16.12 -3.37 13.73
N GLY A 54 -16.11 -3.32 15.06
CA GLY A 54 -17.33 -3.48 15.84
C GLY A 54 -17.89 -4.89 16.00
N THR A 55 -18.09 -5.60 14.90
CA THR A 55 -18.66 -6.95 14.96
C THR A 55 -17.64 -8.05 15.21
N GLY A 56 -16.38 -7.77 14.90
CA GLY A 56 -15.32 -8.75 15.07
C GLY A 56 -15.19 -9.33 16.47
N LEU A 57 -14.99 -10.65 16.53
CA LEU A 57 -14.85 -11.37 17.80
C LEU A 57 -13.90 -10.68 18.79
N TYR A 58 -12.74 -10.25 18.33
CA TYR A 58 -11.79 -9.59 19.21
C TYR A 58 -12.32 -8.28 19.78
N HIS A 59 -13.37 -7.74 19.18
CA HIS A 59 -13.96 -6.50 19.66
C HIS A 59 -15.14 -6.78 20.59
N ASN A 60 -15.34 -8.06 20.94
CA ASN A 60 -16.46 -8.44 21.79
C ASN A 60 -16.14 -9.47 22.86
N LEU A 61 -14.98 -9.34 23.50
CA LEU A 61 -14.59 -10.30 24.53
C LEU A 61 -14.69 -9.69 25.92
N ALA A 62 -15.49 -8.63 26.04
CA ALA A 62 -15.65 -7.91 27.31
C ALA A 62 -16.02 -8.74 28.53
N ARG A 63 -16.96 -9.65 28.41
CA ARG A 63 -17.35 -10.43 29.58
C ARG A 63 -16.27 -11.36 30.09
N LEU A 64 -15.17 -11.49 29.33
CA LEU A 64 -14.07 -12.37 29.73
C LEU A 64 -13.00 -11.64 30.51
N LYS A 65 -13.19 -10.33 30.66
CA LYS A 65 -12.26 -9.47 31.39
C LYS A 65 -10.78 -9.80 31.12
N LEU A 66 -10.38 -9.74 29.85
CA LEU A 66 -9.00 -10.02 29.45
C LEU A 66 -8.04 -8.83 29.56
N PRO A 67 -6.74 -9.11 29.75
CA PRO A 67 -5.71 -8.07 29.87
C PRO A 67 -5.54 -7.37 28.51
N TYR A 68 -5.87 -8.10 27.44
CA TYR A 68 -5.77 -7.61 26.07
C TYR A 68 -6.53 -8.58 25.17
N PRO A 69 -7.13 -8.07 24.08
CA PRO A 69 -7.90 -8.84 23.12
C PRO A 69 -7.45 -10.25 22.77
N GLU A 70 -6.18 -10.39 22.40
CA GLU A 70 -5.68 -11.70 22.01
C GLU A 70 -5.24 -12.62 23.16
N ALA A 71 -5.51 -12.22 24.40
CA ALA A 71 -5.12 -13.05 25.55
C ALA A 71 -5.70 -14.45 25.51
N VAL A 72 -6.98 -14.57 25.13
CA VAL A 72 -7.64 -15.89 25.09
C VAL A 72 -6.96 -16.91 24.21
N PHE A 73 -6.37 -16.47 23.12
CA PHE A 73 -5.74 -17.41 22.22
C PHE A 73 -4.24 -17.28 22.28
N ASP A 74 -3.75 -16.73 23.39
CA ASP A 74 -2.31 -16.58 23.60
C ASP A 74 -1.85 -17.65 24.58
N VAL A 75 -0.92 -18.49 24.15
CA VAL A 75 -0.45 -19.59 24.98
C VAL A 75 0.14 -19.15 26.32
N ASP A 76 0.76 -17.99 26.39
CA ASP A 76 1.35 -17.53 27.64
C ASP A 76 0.29 -17.15 28.66
N PHE A 77 -0.83 -16.61 28.19
CA PHE A 77 -1.88 -16.23 29.12
C PHE A 77 -2.63 -17.44 29.59
N PHE A 78 -2.86 -18.38 28.68
CA PHE A 78 -3.58 -19.60 28.98
C PHE A 78 -2.88 -20.36 30.11
N GLN A 79 -1.57 -20.54 29.94
CA GLN A 79 -0.77 -21.22 30.92
C GLN A 79 -0.94 -20.65 32.31
N SER A 80 -0.98 -19.33 32.41
CA SER A 80 -1.12 -18.69 33.71
C SER A 80 -2.55 -18.36 34.10
N ASP A 81 -3.51 -18.68 33.25
CA ASP A 81 -4.91 -18.36 33.55
C ASP A 81 -5.83 -18.90 32.47
N PRO A 82 -6.16 -20.19 32.52
CA PRO A 82 -7.03 -20.84 31.53
C PRO A 82 -8.53 -20.60 31.56
N LEU A 83 -9.06 -20.09 32.67
CA LEU A 83 -10.52 -19.90 32.76
C LEU A 83 -11.18 -19.17 31.59
N PRO A 84 -10.70 -17.97 31.26
CA PRO A 84 -11.32 -17.27 30.13
C PRO A 84 -11.45 -18.12 28.88
N PHE A 85 -10.40 -18.87 28.52
CA PHE A 85 -10.53 -19.71 27.34
C PHE A 85 -11.57 -20.81 27.55
N TYR A 86 -11.54 -21.46 28.72
CA TYR A 86 -12.52 -22.51 29.03
C TYR A 86 -13.93 -21.93 28.86
N THR A 87 -14.09 -20.72 29.35
CA THR A 87 -15.36 -20.00 29.29
C THR A 87 -15.79 -19.72 27.84
N LEU A 88 -14.82 -19.40 26.99
CA LEU A 88 -15.11 -19.09 25.59
C LEU A 88 -15.14 -20.33 24.70
N ALA A 89 -14.41 -21.37 25.11
CA ALA A 89 -14.32 -22.63 24.36
C ALA A 89 -15.66 -23.31 24.09
N LYS A 90 -16.64 -23.08 24.97
CA LYS A 90 -17.97 -23.66 24.82
C LYS A 90 -18.60 -23.25 23.50
N GLU A 91 -18.61 -21.94 23.23
CA GLU A 91 -19.19 -21.38 22.01
C GLU A 91 -18.41 -21.76 20.74
N LEU A 92 -17.09 -21.94 20.88
CA LEU A 92 -16.24 -22.29 19.74
C LEU A 92 -16.35 -23.73 19.26
N TYR A 93 -16.90 -24.62 20.07
CA TYR A 93 -17.01 -26.03 19.66
C TYR A 93 -17.90 -26.19 18.43
N PRO A 94 -17.44 -26.95 17.44
CA PRO A 94 -18.23 -27.16 16.21
C PRO A 94 -19.56 -27.84 16.51
N GLY A 95 -20.53 -27.66 15.63
CA GLY A 95 -21.82 -28.29 15.84
C GLY A 95 -23.06 -27.46 15.60
N ASN A 96 -23.18 -26.35 16.30
CA ASN A 96 -24.35 -25.47 16.20
C ASN A 96 -24.61 -24.85 14.82
N PHE A 97 -23.71 -25.03 13.86
CA PHE A 97 -23.92 -24.42 12.55
C PHE A 97 -23.90 -25.32 11.31
N ARG A 98 -24.38 -24.78 10.20
CA ARG A 98 -24.43 -25.50 8.93
C ARG A 98 -23.57 -24.76 7.89
N PRO A 99 -22.96 -25.49 6.95
CA PRO A 99 -22.10 -24.90 5.91
C PRO A 99 -22.78 -23.85 5.05
N SER A 100 -21.99 -22.89 4.58
CA SER A 100 -22.47 -21.79 3.74
C SER A 100 -22.39 -22.21 2.27
N LYS A 101 -23.09 -21.47 1.42
CA LYS A 101 -23.07 -21.77 -0.01
C LYS A 101 -21.65 -21.86 -0.52
N PHE A 102 -20.75 -21.10 0.06
CA PHE A 102 -19.36 -21.14 -0.40
C PHE A 102 -18.70 -22.46 -0.04
N HIS A 103 -19.00 -22.99 1.15
CA HIS A 103 -18.41 -24.25 1.57
C HIS A 103 -18.84 -25.31 0.57
N TYR A 104 -20.10 -25.27 0.18
CA TYR A 104 -20.61 -26.25 -0.77
C TYR A 104 -19.96 -26.07 -2.15
N LEU A 105 -19.52 -24.85 -2.46
CA LEU A 105 -18.85 -24.62 -3.73
C LEU A 105 -17.56 -25.44 -3.72
N LEU A 106 -17.01 -25.64 -2.53
CA LEU A 106 -15.81 -26.45 -2.39
C LEU A 106 -16.16 -27.90 -2.72
N LYS A 107 -17.30 -28.35 -2.21
CA LYS A 107 -17.79 -29.71 -2.44
C LYS A 107 -18.04 -29.90 -3.93
N LEU A 108 -18.64 -28.90 -4.55
CA LEU A 108 -18.95 -28.92 -5.98
C LEU A 108 -17.67 -29.10 -6.79
N PHE A 109 -16.67 -28.28 -6.51
CA PHE A 109 -15.41 -28.38 -7.23
C PHE A 109 -14.79 -29.76 -7.08
N GLN A 110 -14.93 -30.34 -5.90
CA GLN A 110 -14.41 -31.68 -5.61
C GLN A 110 -15.05 -32.69 -6.58
N ASP A 111 -16.38 -32.67 -6.63
CA ASP A 111 -17.14 -33.55 -7.52
C ASP A 111 -16.63 -33.43 -8.97
N LYS A 112 -16.39 -32.20 -9.40
CA LYS A 112 -15.92 -31.94 -10.75
C LYS A 112 -14.42 -32.16 -10.91
N ASP A 113 -13.79 -32.80 -9.92
CA ASP A 113 -12.35 -33.07 -9.99
C ASP A 113 -11.54 -31.81 -10.27
N VAL A 114 -11.88 -30.74 -9.58
CA VAL A 114 -11.20 -29.47 -9.77
C VAL A 114 -10.54 -28.96 -8.49
N LEU A 115 -10.80 -29.64 -7.38
CA LEU A 115 -10.24 -29.25 -6.09
C LEU A 115 -8.90 -29.93 -5.83
N LYS A 116 -7.84 -29.14 -5.73
CA LYS A 116 -6.52 -29.68 -5.45
C LYS A 116 -6.30 -29.69 -3.92
N ARG A 117 -6.69 -28.60 -3.28
CA ARG A 117 -6.53 -28.47 -1.84
C ARG A 117 -7.30 -27.30 -1.29
N VAL A 118 -7.57 -27.33 0.01
CA VAL A 118 -8.24 -26.23 0.67
C VAL A 118 -7.46 -25.92 1.94
N TYR A 119 -6.68 -24.85 1.92
CA TYR A 119 -5.94 -24.47 3.12
C TYR A 119 -6.86 -23.54 3.88
N THR A 120 -7.30 -23.97 5.06
CA THR A 120 -8.21 -23.16 5.87
C THR A 120 -7.63 -22.80 7.22
N GLN A 121 -8.03 -21.63 7.74
CA GLN A 121 -7.58 -21.16 9.05
C GLN A 121 -8.74 -21.26 10.01
N ASN A 122 -9.87 -21.78 9.53
CA ASN A 122 -11.03 -21.94 10.38
C ASN A 122 -10.93 -23.24 11.17
N ILE A 123 -11.58 -23.29 12.33
CA ILE A 123 -11.60 -24.48 13.17
C ILE A 123 -13.03 -24.96 13.36
N ASP A 124 -13.95 -24.34 12.63
CA ASP A 124 -15.37 -24.65 12.69
C ASP A 124 -15.68 -25.93 11.93
N THR A 125 -14.69 -26.45 11.22
CA THR A 125 -14.82 -27.70 10.46
C THR A 125 -15.97 -27.72 9.47
N LEU A 126 -16.42 -26.56 9.03
CA LEU A 126 -17.53 -26.50 8.09
C LEU A 126 -17.16 -27.03 6.70
N GLU A 127 -15.89 -26.97 6.31
CA GLU A 127 -15.56 -27.52 4.99
C GLU A 127 -15.79 -29.04 5.05
N ARG A 128 -15.43 -29.64 6.18
CA ARG A 128 -15.61 -31.08 6.36
C ARG A 128 -17.10 -31.43 6.36
N GLN A 129 -17.90 -30.61 7.05
CA GLN A 129 -19.34 -30.82 7.14
C GLN A 129 -20.03 -30.61 5.79
N ALA A 130 -19.33 -29.97 4.86
CA ALA A 130 -19.88 -29.70 3.54
C ALA A 130 -19.60 -30.88 2.60
N GLY A 131 -18.82 -31.84 3.08
CA GLY A 131 -18.53 -33.00 2.26
C GLY A 131 -17.18 -33.08 1.60
N VAL A 132 -16.27 -32.18 1.93
CA VAL A 132 -14.94 -32.20 1.34
C VAL A 132 -14.12 -33.29 2.01
N LYS A 133 -13.44 -34.10 1.20
CA LYS A 133 -12.61 -35.18 1.72
C LYS A 133 -11.49 -34.59 2.59
N ASP A 134 -11.14 -35.31 3.66
CA ASP A 134 -10.10 -34.86 4.60
C ASP A 134 -8.73 -34.67 3.95
N ASP A 135 -8.44 -35.48 2.93
CA ASP A 135 -7.16 -35.39 2.24
C ASP A 135 -7.01 -34.09 1.46
N LEU A 136 -8.13 -33.44 1.16
CA LEU A 136 -8.07 -32.19 0.42
C LEU A 136 -8.12 -30.99 1.36
N ILE A 137 -8.43 -31.22 2.63
CA ILE A 137 -8.51 -30.15 3.61
C ILE A 137 -7.24 -30.01 4.47
N ILE A 138 -6.76 -28.78 4.63
CA ILE A 138 -5.61 -28.54 5.46
C ILE A 138 -6.01 -27.51 6.52
N GLU A 139 -6.13 -27.96 7.76
CA GLU A 139 -6.51 -27.09 8.85
C GLU A 139 -5.25 -26.52 9.48
N ALA A 140 -4.75 -25.47 8.85
CA ALA A 140 -3.54 -24.78 9.27
C ALA A 140 -3.56 -24.34 10.73
N HIS A 141 -4.74 -24.04 11.26
CA HIS A 141 -4.81 -23.61 12.65
C HIS A 141 -5.39 -24.68 13.58
N GLY A 142 -5.30 -25.94 13.17
CA GLY A 142 -5.77 -27.04 13.98
C GLY A 142 -7.27 -27.24 14.07
N SER A 143 -7.69 -28.09 14.99
CA SER A 143 -9.11 -28.38 15.20
C SER A 143 -9.34 -28.95 16.58
N PHE A 144 -10.59 -29.28 16.85
CA PHE A 144 -10.98 -29.87 18.14
C PHE A 144 -11.02 -31.40 18.02
N ALA A 145 -10.43 -31.93 16.94
CA ALA A 145 -10.44 -33.37 16.72
C ALA A 145 -9.78 -34.13 17.87
N HIS A 146 -8.76 -33.53 18.46
CA HIS A 146 -8.10 -34.14 19.61
C HIS A 146 -7.63 -33.04 20.54
N CYS A 147 -6.91 -33.44 21.59
CA CYS A 147 -6.39 -32.46 22.53
C CYS A 147 -4.90 -32.74 22.66
N HIS A 148 -4.19 -31.84 23.31
CA HIS A 148 -2.77 -32.03 23.49
C HIS A 148 -2.27 -31.25 24.68
N CYS A 149 -1.08 -31.63 25.13
CA CYS A 149 -0.43 -30.97 26.24
C CYS A 149 0.40 -29.80 25.73
N ILE A 150 0.24 -28.63 26.34
CA ILE A 150 1.02 -27.47 25.92
C ILE A 150 2.46 -27.62 26.42
N GLY A 151 2.71 -28.68 27.18
CA GLY A 151 4.04 -28.90 27.70
C GLY A 151 4.90 -29.85 26.90
N CYS A 152 4.50 -31.11 26.83
CA CYS A 152 5.28 -32.11 26.11
C CYS A 152 4.70 -32.44 24.73
N GLY A 153 3.56 -31.85 24.42
CA GLY A 153 2.95 -32.12 23.13
C GLY A 153 2.18 -33.42 23.05
N LYS A 154 2.13 -34.19 24.13
CA LYS A 154 1.39 -35.45 24.11
C LYS A 154 -0.08 -35.23 23.74
N VAL A 155 -0.62 -36.15 22.95
CA VAL A 155 -1.99 -36.06 22.48
C VAL A 155 -2.98 -36.92 23.26
N TYR A 156 -4.17 -36.38 23.47
CA TYR A 156 -5.25 -37.06 24.19
C TYR A 156 -6.57 -36.88 23.43
N PRO A 157 -7.60 -37.64 23.82
CA PRO A 157 -8.89 -37.50 23.13
C PRO A 157 -9.64 -36.23 23.55
N PRO A 158 -10.69 -35.86 22.80
CA PRO A 158 -11.51 -34.67 23.06
C PRO A 158 -12.36 -34.65 24.33
N GLN A 159 -13.10 -35.72 24.56
CA GLN A 159 -14.04 -35.84 25.68
C GLN A 159 -13.67 -35.35 27.07
N VAL A 160 -12.47 -35.65 27.56
CA VAL A 160 -12.13 -35.17 28.89
C VAL A 160 -12.26 -33.64 28.98
N PHE A 161 -11.63 -32.93 28.05
CA PHE A 161 -11.69 -31.47 28.07
C PHE A 161 -13.11 -30.95 27.82
N LYS A 162 -13.84 -31.58 26.90
CA LYS A 162 -15.21 -31.14 26.58
C LYS A 162 -16.20 -31.32 27.73
N SER A 163 -16.01 -32.36 28.53
CA SER A 163 -16.88 -32.64 29.67
C SER A 163 -16.60 -31.63 30.78
N LYS A 164 -15.33 -31.27 30.94
CA LYS A 164 -14.92 -30.31 31.96
C LYS A 164 -15.59 -28.96 31.71
N LEU A 165 -15.95 -28.70 30.45
CA LEU A 165 -16.60 -27.45 30.07
C LEU A 165 -18.04 -27.43 30.56
N ALA A 166 -18.65 -28.62 30.63
CA ALA A 166 -20.01 -28.76 31.11
C ALA A 166 -20.09 -28.39 32.59
N GLU A 167 -19.06 -28.76 33.36
CA GLU A 167 -19.02 -28.44 34.78
C GLU A 167 -19.16 -26.93 34.89
N HIS A 168 -20.11 -26.47 35.70
CA HIS A 168 -20.33 -25.03 35.85
C HIS A 168 -19.14 -24.35 36.49
N PRO A 169 -18.98 -24.43 37.83
CA PRO A 169 -17.77 -23.73 38.28
C PRO A 169 -16.54 -24.59 37.96
N ILE A 170 -15.93 -24.36 36.80
CA ILE A 170 -14.76 -25.14 36.39
C ILE A 170 -13.75 -25.29 37.53
N LYS A 171 -13.79 -26.46 38.17
CA LYS A 171 -12.92 -26.79 39.30
C LYS A 171 -11.45 -26.78 38.90
N ASP A 172 -10.88 -27.97 38.76
CA ASP A 172 -9.50 -28.10 38.37
C ASP A 172 -9.46 -28.35 36.87
N PHE A 173 -8.50 -27.73 36.19
CA PHE A 173 -8.39 -27.86 34.74
C PHE A 173 -7.59 -29.10 34.33
N VAL A 174 -7.97 -29.69 33.20
CA VAL A 174 -7.30 -30.88 32.69
C VAL A 174 -5.78 -30.73 32.67
N LYS A 175 -5.08 -31.78 33.11
CA LYS A 175 -3.62 -31.77 33.13
C LYS A 175 -3.05 -32.97 32.38
N CYS A 176 -1.79 -32.85 31.98
CA CYS A 176 -1.11 -33.91 31.25
C CYS A 176 -0.65 -34.95 32.28
N ASP A 177 -1.05 -36.21 32.08
CA ASP A 177 -0.66 -37.24 33.03
C ASP A 177 0.78 -37.72 32.93
N VAL A 178 1.65 -36.96 32.26
CA VAL A 178 3.05 -37.36 32.20
C VAL A 178 3.95 -36.20 32.61
N CYS A 179 3.59 -34.99 32.21
CA CYS A 179 4.41 -33.84 32.60
C CYS A 179 3.65 -32.88 33.51
N GLY A 180 2.34 -33.07 33.61
CA GLY A 180 1.54 -32.21 34.48
C GLY A 180 1.18 -30.83 33.94
N GLU A 181 1.47 -30.57 32.67
CA GLU A 181 1.15 -29.27 32.09
C GLU A 181 -0.32 -29.25 31.66
N LEU A 182 -0.81 -28.08 31.30
CA LEU A 182 -2.21 -27.94 30.87
C LEU A 182 -2.49 -28.60 29.51
N VAL A 183 -3.68 -29.17 29.38
CA VAL A 183 -4.12 -29.82 28.16
C VAL A 183 -5.28 -29.03 27.56
N LYS A 184 -5.23 -28.82 26.26
CA LYS A 184 -6.30 -28.08 25.56
C LYS A 184 -6.50 -28.63 24.16
N PRO A 185 -7.62 -28.26 23.52
CA PRO A 185 -7.92 -28.71 22.15
C PRO A 185 -6.76 -28.35 21.21
N ALA A 186 -6.50 -29.21 20.24
CA ALA A 186 -5.40 -29.01 19.29
C ALA A 186 -5.60 -27.88 18.27
N ILE A 187 -6.15 -26.76 18.74
CA ILE A 187 -6.31 -25.61 17.87
C ILE A 187 -5.12 -24.69 18.17
N VAL A 188 -4.52 -24.12 17.14
CA VAL A 188 -3.33 -23.27 17.32
C VAL A 188 -3.58 -21.93 18.02
N PHE A 189 -2.73 -21.64 19.00
CA PHE A 189 -2.77 -20.41 19.80
C PHE A 189 -1.56 -19.59 19.43
N PHE A 190 -1.60 -18.29 19.69
CA PHE A 190 -0.46 -17.43 19.41
C PHE A 190 0.71 -18.02 20.20
N GLY A 191 1.88 -18.10 19.58
CA GLY A 191 3.03 -18.64 20.26
C GLY A 191 3.26 -20.11 19.95
N GLU A 192 2.22 -20.79 19.48
CA GLU A 192 2.34 -22.19 19.14
C GLU A 192 2.73 -22.42 17.68
N ASP A 193 3.41 -23.54 17.41
CA ASP A 193 3.80 -23.88 16.06
C ASP A 193 2.57 -24.49 15.39
N LEU A 194 2.51 -24.45 14.07
CA LEU A 194 1.37 -25.01 13.35
C LEU A 194 1.52 -26.52 13.09
N PRO A 195 0.42 -27.17 12.68
CA PRO A 195 0.48 -28.60 12.41
C PRO A 195 1.42 -28.93 11.25
N ASP A 196 2.16 -30.03 11.40
CA ASP A 196 3.12 -30.46 10.39
C ASP A 196 2.54 -30.50 9.00
N SER A 197 1.30 -30.98 8.89
CA SER A 197 0.66 -31.08 7.58
C SER A 197 0.68 -29.77 6.80
N PHE A 198 0.59 -28.64 7.52
CA PHE A 198 0.58 -27.34 6.87
C PHE A 198 1.83 -27.02 6.08
N SER A 199 2.95 -26.80 6.76
CA SER A 199 4.18 -26.48 6.08
C SER A 199 4.60 -27.57 5.09
N GLU A 200 4.38 -28.83 5.47
CA GLU A 200 4.74 -29.95 4.62
C GLU A 200 3.87 -30.10 3.37
N THR A 201 2.56 -29.95 3.51
CA THR A 201 1.70 -30.07 2.35
C THR A 201 1.96 -28.92 1.39
N TRP A 202 2.08 -27.71 1.93
CA TRP A 202 2.35 -26.55 1.10
C TRP A 202 3.67 -26.76 0.36
N LEU A 203 4.69 -27.19 1.10
CA LEU A 203 5.99 -27.45 0.50
C LEU A 203 5.76 -28.27 -0.76
N ASN A 204 4.93 -29.30 -0.63
CA ASN A 204 4.59 -30.18 -1.73
C ASN A 204 3.79 -29.47 -2.81
N ASP A 205 2.61 -28.96 -2.45
CA ASP A 205 1.75 -28.26 -3.39
C ASP A 205 2.47 -27.14 -4.14
N SER A 206 3.47 -26.54 -3.50
CA SER A 206 4.24 -25.48 -4.14
C SER A 206 4.87 -26.08 -5.38
N GLU A 207 5.59 -27.18 -5.21
CA GLU A 207 6.22 -27.81 -6.35
C GLU A 207 5.18 -28.22 -7.39
N TRP A 208 4.08 -28.83 -6.96
CA TRP A 208 3.02 -29.24 -7.88
C TRP A 208 2.67 -28.05 -8.80
N LEU A 209 2.62 -26.86 -8.23
CA LEU A 209 2.31 -25.64 -8.97
C LEU A 209 3.43 -25.31 -9.94
N ARG A 210 4.65 -25.15 -9.43
CA ARG A 210 5.79 -24.82 -10.28
C ARG A 210 5.98 -25.88 -11.36
N GLU A 211 5.48 -27.09 -11.10
CA GLU A 211 5.58 -28.18 -12.05
C GLU A 211 4.55 -28.01 -13.15
N LYS A 212 3.42 -27.40 -12.81
CA LYS A 212 2.37 -27.20 -13.80
C LYS A 212 2.45 -25.87 -14.52
N ILE A 213 3.66 -25.43 -14.84
CA ILE A 213 3.87 -24.18 -15.58
C ILE A 213 5.19 -24.21 -16.33
N GLN A 222 -3.20 -26.02 -16.20
CA GLN A 222 -2.76 -24.68 -15.80
C GLN A 222 -3.55 -24.19 -14.57
N PRO A 223 -2.93 -24.29 -13.38
CA PRO A 223 -3.39 -23.93 -12.03
C PRO A 223 -4.08 -22.58 -11.77
N LEU A 224 -4.75 -22.54 -10.63
CA LEU A 224 -5.46 -21.37 -10.13
C LEU A 224 -5.46 -21.44 -8.60
N VAL A 225 -5.11 -20.34 -7.93
CA VAL A 225 -5.10 -20.30 -6.47
C VAL A 225 -6.04 -19.17 -6.03
N ILE A 226 -7.13 -19.54 -5.35
CA ILE A 226 -8.11 -18.56 -4.89
C ILE A 226 -8.12 -18.30 -3.38
N VAL A 227 -7.83 -17.05 -3.01
CA VAL A 227 -7.81 -16.66 -1.60
C VAL A 227 -9.10 -15.93 -1.23
N VAL A 228 -9.77 -16.36 -0.16
CA VAL A 228 -11.01 -15.68 0.22
C VAL A 228 -11.33 -15.65 1.71
N GLY A 229 -11.96 -14.56 2.14
CA GLY A 229 -12.35 -14.41 3.53
C GLY A 229 -11.28 -14.34 4.59
N THR A 230 -10.17 -13.67 4.30
CA THR A 230 -9.10 -13.54 5.29
C THR A 230 -8.38 -12.19 5.14
N SER A 231 -8.04 -11.58 6.27
CA SER A 231 -7.36 -10.29 6.27
C SER A 231 -5.84 -10.42 6.12
N LEU A 232 -5.35 -11.66 6.09
CA LEU A 232 -3.92 -11.96 5.94
C LEU A 232 -3.05 -11.22 6.94
N ALA A 233 -3.45 -11.23 8.21
CA ALA A 233 -2.72 -10.54 9.25
C ALA A 233 -1.96 -11.51 10.13
N VAL A 234 -2.26 -12.80 9.97
CA VAL A 234 -1.64 -13.81 10.79
C VAL A 234 -0.67 -14.70 10.05
N TYR A 235 0.55 -14.76 10.56
CA TYR A 235 1.55 -15.59 9.93
C TYR A 235 1.72 -16.88 10.73
N PRO A 236 2.35 -17.90 10.13
CA PRO A 236 2.91 -17.91 8.77
C PRO A 236 1.90 -18.12 7.64
N PHE A 237 0.62 -18.26 7.96
CA PHE A 237 -0.36 -18.47 6.91
C PHE A 237 -0.30 -17.35 5.88
N ALA A 238 -0.27 -16.11 6.37
CA ALA A 238 -0.23 -14.91 5.52
C ALA A 238 0.88 -14.91 4.49
N SER A 239 1.92 -15.70 4.70
CA SER A 239 3.02 -15.76 3.77
C SER A 239 2.67 -16.59 2.54
N LEU A 240 1.60 -17.39 2.63
CA LEU A 240 1.21 -18.25 1.54
C LEU A 240 0.98 -17.60 0.17
N PRO A 241 0.18 -16.53 0.09
CA PRO A 241 -0.10 -15.84 -1.18
C PRO A 241 1.13 -15.39 -1.98
N GLU A 242 2.08 -14.73 -1.32
CA GLU A 242 3.28 -14.25 -1.97
C GLU A 242 4.21 -15.36 -2.43
N GLU A 243 4.03 -16.55 -1.88
CA GLU A 243 4.86 -17.69 -2.22
C GLU A 243 4.33 -18.40 -3.45
N ILE A 244 3.24 -17.87 -3.98
CA ILE A 244 2.64 -18.42 -5.19
C ILE A 244 3.52 -17.98 -6.35
N PRO A 245 3.91 -18.92 -7.23
CA PRO A 245 4.76 -18.58 -8.38
C PRO A 245 4.11 -17.48 -9.22
N ARG A 246 4.91 -16.51 -9.64
CA ARG A 246 4.40 -15.39 -10.44
C ARG A 246 3.65 -15.88 -11.66
N LYS A 247 4.07 -17.02 -12.19
CA LYS A 247 3.45 -17.59 -13.37
C LYS A 247 2.09 -18.23 -13.05
N VAL A 248 1.64 -18.10 -11.80
CA VAL A 248 0.35 -18.66 -11.40
C VAL A 248 -0.65 -17.55 -11.10
N LYS A 249 -1.83 -17.68 -11.69
CA LYS A 249 -2.89 -16.68 -11.53
C LYS A 249 -3.55 -16.76 -10.13
N ARG A 250 -3.51 -15.63 -9.43
CA ARG A 250 -4.09 -15.53 -8.09
C ARG A 250 -5.41 -14.80 -8.13
N VAL A 251 -6.34 -15.24 -7.28
CA VAL A 251 -7.64 -14.60 -7.16
C VAL A 251 -7.82 -14.24 -5.69
N LEU A 252 -8.45 -13.11 -5.44
CA LEU A 252 -8.70 -12.69 -4.07
C LEU A 252 -10.15 -12.25 -3.97
N CYS A 253 -10.94 -13.02 -3.24
CA CYS A 253 -12.34 -12.67 -3.03
C CYS A 253 -12.40 -12.24 -1.56
N ASN A 254 -12.52 -10.94 -1.33
CA ASN A 254 -12.57 -10.42 0.03
C ASN A 254 -13.17 -9.01 -0.03
N LEU A 255 -13.82 -8.58 1.04
CA LEU A 255 -14.46 -7.27 1.06
C LEU A 255 -13.46 -6.12 0.95
N GLU A 256 -12.19 -6.40 1.16
CA GLU A 256 -11.16 -5.38 1.10
C GLU A 256 -9.85 -5.99 0.62
N THR A 257 -9.08 -5.23 -0.15
CA THR A 257 -7.82 -5.74 -0.64
C THR A 257 -6.90 -5.82 0.57
N VAL A 258 -6.29 -6.98 0.75
CA VAL A 258 -5.45 -7.22 1.91
C VAL A 258 -4.13 -7.91 1.54
N GLY A 259 -3.19 -7.84 2.46
CA GLY A 259 -1.89 -8.51 2.28
C GLY A 259 -1.08 -8.27 1.04
N ASP A 260 -0.53 -9.35 0.49
CA ASP A 260 0.30 -9.26 -0.69
C ASP A 260 -0.45 -8.77 -1.93
N PHE A 261 -1.79 -8.71 -1.86
CA PHE A 261 -2.57 -8.24 -2.98
C PHE A 261 -2.62 -6.71 -2.93
N LYS A 262 -2.34 -6.17 -1.74
CA LYS A 262 -2.38 -4.73 -1.54
C LYS A 262 -0.98 -4.13 -1.66
N ALA A 263 0.02 -4.92 -1.27
CA ALA A 263 1.40 -4.48 -1.32
C ALA A 263 2.01 -4.71 -2.69
N ASN A 264 2.32 -5.97 -2.99
CA ASN A 264 2.91 -6.31 -4.26
C ASN A 264 1.93 -6.95 -5.23
N LYS A 265 0.98 -6.14 -5.68
CA LYS A 265 -0.03 -6.59 -6.64
C LYS A 265 0.63 -7.00 -7.94
N ARG A 266 0.10 -8.05 -8.54
CA ARG A 266 0.61 -8.56 -9.82
C ARG A 266 -0.39 -8.27 -10.92
N PRO A 267 0.11 -8.03 -12.15
CA PRO A 267 -0.74 -7.73 -13.31
C PRO A 267 -1.92 -8.69 -13.51
N THR A 268 -1.64 -9.99 -13.39
CA THR A 268 -2.68 -11.00 -13.57
C THR A 268 -3.59 -11.24 -12.38
N ASP A 269 -3.35 -10.51 -11.29
CA ASP A 269 -4.19 -10.67 -10.10
C ASP A 269 -5.63 -10.24 -10.30
N LEU A 270 -6.55 -11.12 -9.93
CA LEU A 270 -7.98 -10.84 -9.98
C LEU A 270 -8.43 -10.55 -8.56
N ILE A 271 -8.99 -9.38 -8.34
CA ILE A 271 -9.46 -8.98 -7.02
C ILE A 271 -10.95 -8.69 -7.06
N VAL A 272 -11.72 -9.49 -6.32
CA VAL A 272 -13.17 -9.33 -6.28
C VAL A 272 -13.62 -8.90 -4.89
N HIS A 273 -14.21 -7.70 -4.80
CA HIS A 273 -14.70 -7.18 -3.53
C HIS A 273 -16.15 -7.62 -3.39
N GLN A 274 -16.33 -8.84 -2.92
CA GLN A 274 -17.66 -9.41 -2.80
C GLN A 274 -17.71 -10.35 -1.62
N TYR A 275 -18.92 -10.66 -1.17
CA TYR A 275 -19.09 -11.60 -0.08
C TYR A 275 -18.93 -12.99 -0.70
N SER A 276 -18.22 -13.88 -0.01
CA SER A 276 -17.96 -15.21 -0.51
C SER A 276 -19.19 -16.00 -1.02
N ASP A 277 -20.33 -15.86 -0.36
CA ASP A 277 -21.51 -16.59 -0.81
C ASP A 277 -21.98 -16.14 -2.18
N GLU A 278 -22.06 -14.83 -2.39
CA GLU A 278 -22.48 -14.27 -3.68
C GLU A 278 -21.44 -14.61 -4.72
N PHE A 279 -20.18 -14.57 -4.32
CA PHE A 279 -19.08 -14.88 -5.21
C PHE A 279 -19.27 -16.30 -5.75
N ALA A 280 -19.55 -17.23 -4.83
CA ALA A 280 -19.76 -18.62 -5.17
C ALA A 280 -21.04 -18.81 -6.00
N GLU A 281 -22.11 -18.19 -5.55
CA GLU A 281 -23.38 -18.27 -6.25
C GLU A 281 -23.16 -17.84 -7.69
N GLN A 282 -22.37 -16.79 -7.87
CA GLN A 282 -22.08 -16.26 -9.20
C GLN A 282 -21.06 -17.08 -9.99
N LEU A 283 -20.03 -17.59 -9.33
CA LEU A 283 -19.03 -18.39 -10.05
C LEU A 283 -19.69 -19.65 -10.60
N VAL A 284 -20.59 -20.24 -9.80
CA VAL A 284 -21.30 -21.43 -10.21
C VAL A 284 -22.08 -21.15 -11.49
N GLU A 285 -22.59 -19.93 -11.59
CA GLU A 285 -23.38 -19.54 -12.77
C GLU A 285 -22.54 -19.49 -14.05
N GLU A 286 -21.42 -18.79 -14.01
CA GLU A 286 -20.56 -18.66 -15.17
C GLU A 286 -19.91 -19.98 -15.62
N LEU A 287 -19.85 -20.96 -14.72
CA LEU A 287 -19.26 -22.24 -15.04
C LEU A 287 -20.31 -23.15 -15.66
N GLY A 288 -21.55 -22.69 -15.59
CA GLY A 288 -22.65 -23.46 -16.13
C GLY A 288 -22.92 -24.70 -15.31
N TRP A 289 -22.73 -24.61 -13.99
CA TRP A 289 -22.94 -25.73 -13.08
C TRP A 289 -24.09 -25.48 -12.10
N GLN A 290 -25.03 -24.64 -12.49
CA GLN A 290 -26.18 -24.30 -11.64
C GLN A 290 -26.91 -25.53 -11.09
N GLU A 291 -27.02 -26.56 -11.93
CA GLU A 291 -27.72 -27.79 -11.56
C GLU A 291 -27.14 -28.58 -10.40
N ASP A 292 -25.97 -29.18 -10.62
CA ASP A 292 -25.32 -29.98 -9.59
C ASP A 292 -25.23 -29.21 -8.27
N PHE A 293 -24.87 -27.94 -8.36
CA PHE A 293 -24.73 -27.11 -7.18
C PHE A 293 -26.02 -27.06 -6.37
N GLU A 294 -27.13 -26.72 -7.03
CA GLU A 294 -28.42 -26.65 -6.35
C GLU A 294 -28.80 -28.00 -5.77
N LYS A 295 -28.39 -29.08 -6.43
CA LYS A 295 -28.68 -30.41 -5.94
C LYS A 295 -27.93 -30.66 -4.64
N ILE A 296 -26.66 -30.27 -4.60
CA ILE A 296 -25.84 -30.43 -3.41
C ILE A 296 -26.43 -29.62 -2.26
N LEU A 297 -26.83 -28.38 -2.56
CA LEU A 297 -27.42 -27.54 -1.53
C LEU A 297 -28.62 -28.25 -0.92
N THR A 298 -29.39 -28.95 -1.75
CA THR A 298 -30.57 -29.68 -1.29
C THR A 298 -30.16 -30.92 -0.49
N ALA A 299 -29.38 -31.79 -1.13
CA ALA A 299 -28.90 -33.01 -0.50
C ALA A 299 -28.48 -32.71 0.92
N GLN A 300 -27.36 -32.00 1.07
CA GLN A 300 -26.83 -31.63 2.37
C GLN A 300 -27.29 -30.24 2.78
N HIS B 1 5.62 -22.74 23.16
CA HIS B 1 6.77 -22.47 22.24
C HIS B 1 6.72 -20.99 21.81
N HIS B 2 7.77 -20.54 21.15
CA HIS B 2 7.85 -19.16 20.64
C HIS B 2 8.89 -19.08 19.54
N GLY B 3 8.87 -20.08 18.65
CA GLY B 3 9.81 -20.11 17.55
C GLY B 3 9.47 -19.06 16.51
N MET B 4 10.44 -18.75 15.64
CA MET B 4 10.22 -17.75 14.62
C MET B 4 9.14 -18.10 13.61
N ALA B 5 8.62 -19.31 13.67
CA ALA B 5 7.57 -19.72 12.75
C ALA B 5 6.25 -20.02 13.48
N SER B 6 6.15 -19.60 14.73
CA SER B 6 4.94 -19.84 15.50
C SER B 6 3.91 -18.79 15.13
N MET B 7 2.63 -19.17 15.22
CA MET B 7 1.52 -18.28 14.91
C MET B 7 1.71 -16.90 15.52
N SER B 8 1.47 -15.86 14.74
CA SER B 8 1.60 -14.48 15.22
C SER B 8 0.88 -13.50 14.33
N VAL B 9 0.55 -12.33 14.90
CA VAL B 9 -0.10 -11.27 14.16
C VAL B 9 0.80 -10.04 14.26
N SER B 10 1.05 -9.38 13.14
CA SER B 10 1.91 -8.20 13.11
C SER B 10 1.44 -7.02 13.95
N THR B 11 0.16 -6.68 13.82
CA THR B 11 -0.37 -5.58 14.59
C THR B 11 -1.00 -6.14 15.85
N ALA B 12 -0.45 -5.77 17.00
CA ALA B 12 -0.97 -6.27 18.26
C ALA B 12 -1.19 -5.19 19.30
N SER B 13 -1.89 -5.54 20.36
CA SER B 13 -2.16 -4.62 21.45
C SER B 13 -0.82 -4.28 22.12
N THR B 14 -0.81 -3.18 22.85
CA THR B 14 0.40 -2.77 23.52
C THR B 14 0.87 -3.85 24.50
N GLU B 15 -0.08 -4.45 25.23
CA GLU B 15 0.25 -5.50 26.21
C GLU B 15 0.96 -6.68 25.57
N MET B 16 0.43 -7.18 24.47
CA MET B 16 1.06 -8.31 23.80
C MET B 16 2.40 -7.96 23.16
N SER B 17 2.46 -6.81 22.49
CA SER B 17 3.68 -6.36 21.83
C SER B 17 4.85 -6.23 22.79
N VAL B 18 4.60 -5.57 23.92
CA VAL B 18 5.63 -5.38 24.93
C VAL B 18 6.09 -6.74 25.49
N ARG B 19 5.19 -7.71 25.55
CA ARG B 19 5.58 -9.02 26.02
C ARG B 19 6.53 -9.62 24.98
N LYS B 20 6.21 -9.45 23.69
CA LYS B 20 7.08 -9.96 22.62
C LYS B 20 8.46 -9.31 22.69
N ILE B 21 8.47 -7.99 22.85
CA ILE B 21 9.72 -7.23 22.92
C ILE B 21 10.52 -7.60 24.17
N ALA B 22 9.83 -7.72 25.29
CA ALA B 22 10.48 -8.08 26.56
C ALA B 22 11.07 -9.47 26.46
N ALA B 23 10.31 -10.38 25.86
CA ALA B 23 10.75 -11.77 25.68
C ALA B 23 12.03 -11.81 24.86
N HIS B 24 12.04 -11.07 23.76
CA HIS B 24 13.20 -11.03 22.90
C HIS B 24 14.45 -10.57 23.66
N MET B 25 14.34 -9.47 24.38
CA MET B 25 15.46 -8.95 25.14
C MET B 25 15.95 -9.89 26.24
N LYS B 26 15.02 -10.54 26.94
CA LYS B 26 15.39 -11.47 28.01
C LYS B 26 16.09 -12.66 27.37
N SER B 27 15.66 -13.01 26.17
CA SER B 27 16.24 -14.13 25.45
C SER B 27 17.55 -13.71 24.76
N ASN B 28 17.70 -12.40 24.54
CA ASN B 28 18.90 -11.88 23.90
C ASN B 28 19.59 -10.88 24.80
N PRO B 29 19.97 -11.31 26.01
CA PRO B 29 20.65 -10.38 26.91
C PRO B 29 21.96 -9.99 26.21
N ASN B 30 22.52 -8.85 26.59
CA ASN B 30 23.76 -8.38 25.97
C ASN B 30 23.45 -7.67 24.65
N ALA B 31 22.40 -8.11 23.96
CA ALA B 31 22.03 -7.49 22.70
C ALA B 31 21.69 -6.01 22.96
N LYS B 32 21.75 -5.21 21.91
CA LYS B 32 21.45 -3.78 22.00
C LYS B 32 20.23 -3.43 21.16
N VAL B 33 19.73 -2.21 21.32
CA VAL B 33 18.59 -1.76 20.56
C VAL B 33 18.87 -0.41 19.92
N ILE B 34 18.51 -0.31 18.65
CA ILE B 34 18.66 0.92 17.88
C ILE B 34 17.28 1.52 17.75
N PHE B 35 17.15 2.80 18.12
CA PHE B 35 15.88 3.52 18.04
C PHE B 35 15.91 4.54 16.91
N MET B 36 14.77 4.79 16.30
CA MET B 36 14.62 5.78 15.24
C MET B 36 13.34 6.52 15.62
N VAL B 37 13.48 7.78 16.01
CA VAL B 37 12.33 8.55 16.48
C VAL B 37 12.05 9.86 15.72
N GLY B 38 10.81 10.33 15.86
CA GLY B 38 10.39 11.57 15.20
C GLY B 38 9.59 12.46 16.14
N ALA B 39 8.96 13.50 15.61
CA ALA B 39 8.22 14.44 16.44
C ALA B 39 7.19 13.81 17.38
N GLY B 40 6.81 12.58 17.10
CA GLY B 40 5.82 11.91 17.93
C GLY B 40 6.17 11.82 19.40
N ILE B 41 7.41 11.45 19.72
CA ILE B 41 7.81 11.30 21.12
C ILE B 41 7.89 12.61 21.90
N SER B 42 7.43 13.70 21.32
CA SER B 42 7.49 15.00 22.00
C SER B 42 6.15 15.73 22.14
N THR B 43 5.07 15.16 21.61
CA THR B 43 3.76 15.80 21.73
C THR B 43 3.34 15.95 23.19
N SER B 44 3.53 14.90 23.98
CA SER B 44 3.16 14.92 25.38
C SER B 44 3.97 15.94 26.19
N CYS B 45 5.13 16.32 25.67
CA CYS B 45 5.97 17.29 26.36
C CYS B 45 5.42 18.70 26.15
N GLY B 46 4.44 18.83 25.25
CA GLY B 46 3.85 20.12 24.98
C GLY B 46 4.26 20.71 23.63
N ILE B 47 4.95 19.90 22.83
CA ILE B 47 5.40 20.32 21.51
C ILE B 47 4.65 19.58 20.40
N PRO B 48 3.65 20.22 19.78
CA PRO B 48 2.86 19.62 18.71
C PRO B 48 3.75 19.06 17.60
N ASP B 49 3.37 17.93 17.00
CA ASP B 49 4.18 17.36 15.94
C ASP B 49 4.02 18.20 14.67
N PHE B 50 4.58 17.73 13.56
CA PHE B 50 4.50 18.50 12.32
C PHE B 50 3.27 18.28 11.46
N ARG B 51 2.92 17.03 11.19
CA ARG B 51 1.81 16.71 10.29
C ARG B 51 0.51 16.11 10.82
N SER B 52 0.30 16.09 12.12
CA SER B 52 -0.97 15.55 12.62
C SER B 52 -2.07 16.55 12.27
N PRO B 53 -3.24 16.05 11.85
CA PRO B 53 -4.35 16.94 11.49
C PRO B 53 -4.75 17.88 12.63
N GLY B 54 -5.09 19.12 12.25
CA GLY B 54 -5.51 20.12 13.21
C GLY B 54 -4.41 20.72 14.07
N THR B 55 -3.68 19.87 14.78
CA THR B 55 -2.62 20.30 15.70
C THR B 55 -1.20 20.39 15.16
N GLY B 56 -0.95 19.82 13.99
CA GLY B 56 0.39 19.86 13.42
C GLY B 56 0.92 21.25 13.11
N LEU B 57 2.23 21.42 13.25
CA LEU B 57 2.88 22.71 13.02
C LEU B 57 2.55 23.23 11.62
N TYR B 58 2.58 22.33 10.65
CA TYR B 58 2.28 22.68 9.26
C TYR B 58 0.79 22.97 9.03
N HIS B 59 0.05 23.19 10.11
CA HIS B 59 -1.37 23.50 10.00
C HIS B 59 -1.66 24.70 10.88
N ASN B 60 -0.61 25.36 11.34
CA ASN B 60 -0.77 26.52 12.20
C ASN B 60 0.28 27.56 11.88
N LEU B 61 0.49 27.79 10.59
CA LEU B 61 1.47 28.76 10.15
C LEU B 61 0.84 29.80 9.23
N ALA B 62 -0.48 29.93 9.30
CA ALA B 62 -1.19 30.89 8.46
C ALA B 62 -0.63 32.30 8.73
N ARG B 63 -0.31 32.54 10.00
CA ARG B 63 0.26 33.82 10.44
C ARG B 63 1.44 34.27 9.57
N LEU B 64 2.23 33.31 9.12
CA LEU B 64 3.40 33.59 8.29
C LEU B 64 3.09 33.96 6.84
N LYS B 65 1.85 33.76 6.42
CA LYS B 65 1.47 34.09 5.05
C LYS B 65 2.46 33.48 4.05
N LEU B 66 2.65 32.18 4.16
CA LEU B 66 3.58 31.44 3.30
C LEU B 66 2.92 30.93 2.04
N PRO B 67 3.72 30.67 0.99
CA PRO B 67 3.19 30.17 -0.28
C PRO B 67 2.68 28.75 -0.05
N TYR B 68 3.40 28.01 0.78
CA TYR B 68 3.07 26.64 1.14
C TYR B 68 3.67 26.39 2.52
N PRO B 69 3.02 25.53 3.33
CA PRO B 69 3.45 25.18 4.69
C PRO B 69 4.93 24.94 4.95
N GLU B 70 5.52 24.03 4.20
CA GLU B 70 6.92 23.68 4.39
C GLU B 70 7.94 24.75 3.99
N ALA B 71 7.45 25.85 3.42
CA ALA B 71 8.33 26.93 3.00
C ALA B 71 9.19 27.51 4.14
N VAL B 72 8.66 27.50 5.36
CA VAL B 72 9.37 28.02 6.53
C VAL B 72 10.71 27.34 6.72
N PHE B 73 10.82 26.10 6.26
CA PHE B 73 12.04 25.31 6.41
C PHE B 73 12.67 24.87 5.10
N ASP B 74 12.44 25.62 4.03
CA ASP B 74 13.01 25.30 2.72
C ASP B 74 14.07 26.35 2.41
N VAL B 75 15.30 25.95 2.08
CA VAL B 75 16.35 26.93 1.77
C VAL B 75 15.95 27.84 0.63
N ASP B 76 15.41 27.25 -0.43
CA ASP B 76 14.99 28.03 -1.58
C ASP B 76 14.14 29.22 -1.15
N PHE B 77 13.20 28.97 -0.25
CA PHE B 77 12.35 30.04 0.22
C PHE B 77 13.10 30.95 1.18
N PHE B 78 14.00 30.36 1.96
CA PHE B 78 14.77 31.15 2.92
C PHE B 78 15.62 32.23 2.26
N GLN B 79 16.30 31.89 1.16
CA GLN B 79 17.14 32.85 0.45
C GLN B 79 16.29 34.04 0.02
N SER B 80 15.22 33.77 -0.71
CA SER B 80 14.33 34.81 -1.24
C SER B 80 13.52 35.57 -0.18
N ASP B 81 13.41 35.03 1.03
CA ASP B 81 12.64 35.69 2.08
C ASP B 81 12.81 35.03 3.44
N PRO B 82 13.72 35.55 4.27
CA PRO B 82 13.96 34.97 5.59
C PRO B 82 13.08 35.51 6.73
N LEU B 83 12.26 36.50 6.45
CA LEU B 83 11.44 37.07 7.51
C LEU B 83 10.64 36.00 8.26
N PRO B 84 9.83 35.21 7.53
CA PRO B 84 9.03 34.15 8.15
C PRO B 84 9.79 33.24 9.12
N PHE B 85 10.88 32.62 8.66
CA PHE B 85 11.66 31.74 9.53
C PHE B 85 12.13 32.46 10.78
N TYR B 86 12.62 33.69 10.61
CA TYR B 86 13.07 34.48 11.75
C TYR B 86 11.92 34.64 12.72
N THR B 87 10.76 34.96 12.18
CA THR B 87 9.54 35.15 12.98
C THR B 87 9.12 33.91 13.77
N LEU B 88 9.55 32.74 13.31
CA LEU B 88 9.19 31.49 13.97
C LEU B 88 10.37 30.90 14.71
N ALA B 89 11.58 31.28 14.29
CA ALA B 89 12.81 30.79 14.89
C ALA B 89 12.81 30.80 16.40
N LYS B 90 12.16 31.80 16.98
CA LYS B 90 12.12 31.90 18.43
C LYS B 90 11.65 30.65 19.14
N GLU B 91 10.35 30.36 19.05
CA GLU B 91 9.77 29.19 19.70
C GLU B 91 10.52 27.87 19.49
N LEU B 92 11.30 27.78 18.41
CA LEU B 92 12.03 26.56 18.11
C LEU B 92 13.19 26.20 19.04
N TYR B 93 13.74 27.18 19.75
CA TYR B 93 14.86 26.91 20.64
C TYR B 93 14.49 26.05 21.85
N PRO B 94 15.38 25.12 22.24
CA PRO B 94 15.15 24.23 23.38
C PRO B 94 15.05 25.03 24.68
N GLY B 95 14.77 24.34 25.78
CA GLY B 95 14.67 25.01 27.07
C GLY B 95 13.34 24.98 27.78
N ASN B 96 12.30 25.48 27.11
CA ASN B 96 10.96 25.54 27.69
C ASN B 96 10.29 24.22 28.10
N PHE B 97 10.81 23.08 27.64
CA PHE B 97 10.17 21.81 27.96
C PHE B 97 11.01 20.77 28.65
N ARG B 98 10.34 19.83 29.30
CA ARG B 98 11.00 18.75 30.02
C ARG B 98 10.82 17.45 29.24
N PRO B 99 11.78 16.51 29.35
CA PRO B 99 11.68 15.24 28.63
C PRO B 99 10.44 14.44 29.04
N SER B 100 10.00 13.58 28.15
CA SER B 100 8.83 12.74 28.40
C SER B 100 9.29 11.39 28.96
N LYS B 101 8.34 10.59 29.42
CA LYS B 101 8.70 9.28 29.94
C LYS B 101 9.44 8.48 28.86
N PHE B 102 9.05 8.62 27.59
CA PHE B 102 9.73 7.86 26.54
C PHE B 102 11.19 8.26 26.42
N HIS B 103 11.47 9.57 26.54
CA HIS B 103 12.85 10.05 26.46
C HIS B 103 13.66 9.41 27.57
N TYR B 104 13.08 9.34 28.77
CA TYR B 104 13.80 8.73 29.88
C TYR B 104 14.04 7.24 29.69
N LEU B 105 13.16 6.57 28.96
CA LEU B 105 13.32 5.14 28.72
C LEU B 105 14.63 4.90 27.97
N LEU B 106 14.99 5.81 27.09
CA LEU B 106 16.24 5.70 26.35
C LEU B 106 17.36 5.74 27.39
N LYS B 107 17.20 6.62 28.38
CA LYS B 107 18.17 6.77 29.45
C LYS B 107 18.27 5.48 30.24
N LEU B 108 17.12 4.91 30.57
CA LEU B 108 17.03 3.66 31.31
C LEU B 108 17.78 2.58 30.52
N PHE B 109 17.47 2.46 29.24
CA PHE B 109 18.11 1.47 28.38
C PHE B 109 19.62 1.70 28.34
N GLN B 110 20.05 2.94 28.53
CA GLN B 110 21.47 3.23 28.53
C GLN B 110 22.06 2.71 29.83
N ASP B 111 21.41 3.04 30.95
CA ASP B 111 21.85 2.61 32.27
C ASP B 111 21.89 1.09 32.36
N LYS B 112 21.09 0.42 31.53
CA LYS B 112 21.05 -1.04 31.51
C LYS B 112 21.91 -1.57 30.36
N ASP B 113 22.65 -0.66 29.74
CA ASP B 113 23.54 -0.98 28.64
C ASP B 113 22.90 -1.72 27.48
N VAL B 114 21.73 -1.26 27.04
CA VAL B 114 21.07 -1.90 25.92
C VAL B 114 20.76 -0.93 24.78
N LEU B 115 21.19 0.32 24.94
CA LEU B 115 20.99 1.34 23.92
C LEU B 115 22.24 1.39 23.05
N LYS B 116 22.06 1.15 21.76
CA LYS B 116 23.18 1.16 20.81
C LYS B 116 23.22 2.52 20.11
N ARG B 117 22.04 3.07 19.86
CA ARG B 117 21.93 4.37 19.21
C ARG B 117 20.52 4.91 19.15
N VAL B 118 20.43 6.22 18.96
CA VAL B 118 19.15 6.88 18.84
C VAL B 118 19.23 7.88 17.69
N TYR B 119 18.74 7.49 16.53
CA TYR B 119 18.72 8.41 15.41
C TYR B 119 17.43 9.20 15.57
N THR B 120 17.56 10.51 15.82
CA THR B 120 16.39 11.36 15.98
C THR B 120 16.32 12.43 14.90
N GLN B 121 15.10 12.82 14.56
CA GLN B 121 14.85 13.85 13.55
C GLN B 121 14.44 15.11 14.28
N ASN B 122 14.33 15.03 15.61
CA ASN B 122 13.93 16.18 16.39
C ASN B 122 15.08 17.13 16.65
N ILE B 123 14.74 18.37 17.00
CA ILE B 123 15.73 19.41 17.27
C ILE B 123 15.48 20.05 18.64
N ASP B 124 14.62 19.42 19.43
CA ASP B 124 14.30 19.92 20.74
C ASP B 124 15.34 19.47 21.75
N THR B 125 16.24 18.60 21.30
CA THR B 125 17.31 18.03 22.11
C THR B 125 16.88 17.35 23.41
N LEU B 126 15.59 17.04 23.53
CA LEU B 126 15.08 16.38 24.72
C LEU B 126 15.75 15.03 25.00
N GLU B 127 16.27 14.36 23.98
CA GLU B 127 16.91 13.08 24.23
C GLU B 127 18.20 13.28 25.05
N ARG B 128 18.88 14.40 24.84
CA ARG B 128 20.09 14.65 25.61
C ARG B 128 19.71 15.22 26.96
N GLN B 129 18.69 16.07 26.99
CA GLN B 129 18.25 16.65 28.24
C GLN B 129 17.75 15.54 29.18
N ALA B 130 17.58 14.35 28.62
CA ALA B 130 17.09 13.20 29.40
C ALA B 130 18.22 12.36 30.00
N GLY B 131 19.44 12.59 29.54
CA GLY B 131 20.57 11.83 30.08
C GLY B 131 21.39 11.02 29.10
N VAL B 132 20.86 10.82 27.89
CA VAL B 132 21.56 10.04 26.88
C VAL B 132 22.88 10.68 26.46
N LYS B 133 23.92 9.87 26.34
CA LYS B 133 25.24 10.34 25.95
C LYS B 133 25.31 10.73 24.48
N ASP B 134 25.94 11.87 24.21
CA ASP B 134 26.08 12.36 22.85
C ASP B 134 26.57 11.28 21.91
N ASP B 135 27.49 10.45 22.40
CA ASP B 135 28.04 9.37 21.60
C ASP B 135 26.91 8.50 21.01
N LEU B 136 25.80 8.42 21.73
CA LEU B 136 24.67 7.60 21.30
C LEU B 136 23.52 8.31 20.57
N ILE B 137 23.53 9.64 20.55
CA ILE B 137 22.49 10.42 19.90
C ILE B 137 22.93 10.91 18.52
N ILE B 138 22.18 10.56 17.48
CA ILE B 138 22.48 11.01 16.13
C ILE B 138 21.38 11.98 15.73
N GLU B 139 21.62 13.27 15.92
CA GLU B 139 20.62 14.28 15.56
C GLU B 139 20.67 14.43 14.05
N ALA B 140 19.89 13.62 13.37
CA ALA B 140 19.84 13.59 11.90
C ALA B 140 19.47 14.90 11.22
N HIS B 141 18.75 15.77 11.92
CA HIS B 141 18.37 17.02 11.29
C HIS B 141 19.05 18.26 11.85
N GLY B 142 20.25 18.06 12.37
CA GLY B 142 21.01 19.18 12.90
C GLY B 142 20.52 19.63 14.26
N SER B 143 20.85 20.86 14.62
CA SER B 143 20.46 21.41 15.91
C SER B 143 20.81 22.87 15.96
N PHE B 144 20.76 23.45 17.16
CA PHE B 144 21.08 24.85 17.36
C PHE B 144 22.46 25.02 18.00
N ALA B 145 23.24 23.95 18.08
CA ALA B 145 24.55 24.04 18.69
C ALA B 145 25.35 25.17 18.03
N HIS B 146 25.06 25.42 16.76
CA HIS B 146 25.74 26.48 16.03
C HIS B 146 24.91 26.94 14.83
N CYS B 147 25.50 27.84 14.04
CA CYS B 147 24.85 28.35 12.85
C CYS B 147 25.79 28.11 11.70
N HIS B 148 25.37 28.44 10.50
CA HIS B 148 26.22 28.24 9.34
C HIS B 148 25.71 29.08 8.17
N CYS B 149 26.62 29.40 7.27
CA CYS B 149 26.28 30.17 6.10
C CYS B 149 25.68 29.19 5.10
N ILE B 150 24.59 29.58 4.45
CA ILE B 150 23.96 28.70 3.47
C ILE B 150 24.69 28.81 2.13
N GLY B 151 25.82 29.49 2.13
CA GLY B 151 26.58 29.68 0.90
C GLY B 151 27.81 28.80 0.78
N CYS B 152 28.79 29.01 1.64
CA CYS B 152 30.02 28.23 1.59
C CYS B 152 30.05 27.19 2.69
N GLY B 153 29.21 27.40 3.71
CA GLY B 153 29.13 26.46 4.81
C GLY B 153 29.95 26.85 6.02
N LYS B 154 30.41 28.10 6.08
CA LYS B 154 31.20 28.54 7.22
C LYS B 154 30.39 28.32 8.50
N VAL B 155 31.07 27.84 9.54
CA VAL B 155 30.41 27.58 10.82
C VAL B 155 30.61 28.74 11.80
N TYR B 156 29.54 29.08 12.53
CA TYR B 156 29.58 30.17 13.50
C TYR B 156 28.91 29.76 14.80
N PRO B 157 29.19 30.49 15.89
CA PRO B 157 28.59 30.19 17.20
C PRO B 157 27.11 30.58 17.21
N PRO B 158 26.33 30.03 18.14
CA PRO B 158 24.91 30.33 18.23
C PRO B 158 24.58 31.81 18.43
N GLN B 159 25.08 32.36 19.53
CA GLN B 159 24.89 33.75 19.94
C GLN B 159 24.57 34.81 18.87
N VAL B 160 25.36 34.90 17.83
CA VAL B 160 25.13 35.90 16.78
C VAL B 160 23.67 35.91 16.28
N PHE B 161 23.23 34.80 15.68
CA PHE B 161 21.88 34.67 15.16
C PHE B 161 20.82 34.80 16.26
N LYS B 162 21.03 34.10 17.37
CA LYS B 162 20.11 34.15 18.49
C LYS B 162 19.85 35.60 18.91
N SER B 163 20.86 36.44 18.70
CA SER B 163 20.81 37.86 19.02
C SER B 163 19.84 38.61 18.13
N LYS B 164 20.05 38.53 16.82
CA LYS B 164 19.21 39.18 15.82
C LYS B 164 17.72 38.98 16.08
N LEU B 165 17.36 37.85 16.69
CA LEU B 165 15.96 37.54 16.97
C LEU B 165 15.41 38.45 18.06
N ALA B 166 16.20 38.67 19.09
CA ALA B 166 15.80 39.53 20.20
C ALA B 166 15.17 40.82 19.69
N GLU B 167 16.00 41.69 19.13
CA GLU B 167 15.54 42.97 18.60
C GLU B 167 14.24 42.83 17.80
N HIS B 168 13.19 43.48 18.28
CA HIS B 168 11.89 43.43 17.63
C HIS B 168 11.99 43.81 16.15
N PRO B 169 12.10 45.12 15.83
CA PRO B 169 12.21 45.48 14.40
C PRO B 169 13.33 44.69 13.72
N ILE B 170 12.96 43.58 13.09
CA ILE B 170 13.91 42.71 12.41
C ILE B 170 14.60 43.40 11.22
N LYS B 171 15.70 44.08 11.51
CA LYS B 171 16.49 44.79 10.50
C LYS B 171 16.99 43.86 9.41
N ASP B 172 18.17 44.16 8.88
CA ASP B 172 18.74 43.30 7.85
C ASP B 172 19.17 42.06 8.62
N PHE B 173 19.16 40.91 7.96
CA PHE B 173 19.49 39.66 8.64
C PHE B 173 20.97 39.30 8.62
N VAL B 174 21.36 38.43 9.54
CA VAL B 174 22.74 37.98 9.68
C VAL B 174 23.30 37.48 8.35
N LYS B 175 24.40 38.09 7.91
CA LYS B 175 25.04 37.70 6.66
C LYS B 175 26.37 37.02 6.97
N CYS B 176 26.90 36.30 5.98
CA CYS B 176 28.16 35.60 6.12
C CYS B 176 29.32 36.55 5.87
N ASP B 177 30.10 36.81 6.91
CA ASP B 177 31.23 37.72 6.77
C ASP B 177 32.42 37.10 6.03
N VAL B 178 32.19 36.66 4.80
CA VAL B 178 33.25 36.06 3.99
C VAL B 178 32.78 35.72 2.58
N CYS B 179 31.46 35.68 2.37
CA CYS B 179 30.87 35.41 1.06
C CYS B 179 29.58 36.23 0.92
N GLY B 180 29.15 36.81 2.03
CA GLY B 180 27.96 37.65 2.02
C GLY B 180 26.61 36.97 1.94
N GLU B 181 26.57 35.66 2.16
CA GLU B 181 25.31 34.92 2.10
C GLU B 181 24.57 34.84 3.43
N LEU B 182 23.34 34.37 3.39
CA LEU B 182 22.52 34.24 4.59
C LEU B 182 23.04 33.19 5.56
N VAL B 183 23.02 33.53 6.83
CA VAL B 183 23.47 32.62 7.89
C VAL B 183 22.30 32.22 8.77
N LYS B 184 22.24 30.94 9.15
CA LYS B 184 21.14 30.45 9.99
C LYS B 184 21.59 29.31 10.90
N PRO B 185 20.80 29.01 11.94
CA PRO B 185 21.19 27.92 12.83
C PRO B 185 21.28 26.62 12.02
N ALA B 186 22.15 25.71 12.43
CA ALA B 186 22.37 24.45 11.73
C ALA B 186 21.28 23.36 11.81
N ILE B 187 20.02 23.75 11.67
CA ILE B 187 18.98 22.75 11.67
C ILE B 187 18.70 22.55 10.18
N VAL B 188 18.71 21.30 9.73
CA VAL B 188 18.48 21.01 8.33
C VAL B 188 17.14 21.48 7.78
N PHE B 189 17.20 22.08 6.60
CA PHE B 189 16.04 22.60 5.89
C PHE B 189 15.88 21.74 4.64
N PHE B 190 14.70 21.76 4.03
CA PHE B 190 14.49 21.00 2.80
C PHE B 190 15.44 21.62 1.78
N GLY B 191 16.23 20.79 1.12
CA GLY B 191 17.17 21.30 0.14
C GLY B 191 18.61 21.12 0.58
N GLU B 192 18.85 21.15 1.88
CA GLU B 192 20.20 21.00 2.40
C GLU B 192 20.53 19.54 2.69
N ASP B 193 21.83 19.24 2.78
CA ASP B 193 22.27 17.90 3.09
C ASP B 193 22.27 17.74 4.60
N LEU B 194 22.04 16.52 5.07
CA LEU B 194 22.05 16.28 6.50
C LEU B 194 23.50 16.24 6.95
N PRO B 195 23.74 16.27 8.27
CA PRO B 195 25.13 16.23 8.75
C PRO B 195 25.85 14.93 8.38
N ASP B 196 27.18 14.96 8.42
CA ASP B 196 27.96 13.77 8.06
C ASP B 196 27.74 12.61 9.04
N SER B 197 27.64 12.94 10.32
CA SER B 197 27.47 11.92 11.35
C SER B 197 26.33 10.98 11.03
N PHE B 198 25.25 11.53 10.49
CA PHE B 198 24.08 10.72 10.15
C PHE B 198 24.36 9.55 9.20
N SER B 199 24.72 9.84 7.96
CA SER B 199 24.97 8.76 7.00
C SER B 199 26.21 7.93 7.33
N GLU B 200 27.21 8.54 7.94
CA GLU B 200 28.42 7.79 8.30
C GLU B 200 28.10 6.79 9.41
N THR B 201 27.54 7.28 10.52
CA THR B 201 27.18 6.43 11.64
C THR B 201 26.20 5.31 11.22
N TRP B 202 25.24 5.65 10.38
CA TRP B 202 24.29 4.64 9.91
C TRP B 202 25.04 3.56 9.17
N LEU B 203 26.03 3.98 8.38
CA LEU B 203 26.85 3.05 7.61
C LEU B 203 27.56 2.09 8.56
N ASN B 204 27.91 2.59 9.74
CA ASN B 204 28.58 1.75 10.72
C ASN B 204 27.61 0.81 11.41
N ASP B 205 26.49 1.36 11.88
CA ASP B 205 25.48 0.56 12.56
C ASP B 205 24.82 -0.47 11.66
N SER B 206 24.88 -0.25 10.35
CA SER B 206 24.31 -1.19 9.40
C SER B 206 25.19 -2.43 9.33
N GLU B 207 26.51 -2.24 9.40
CA GLU B 207 27.41 -3.40 9.36
C GLU B 207 27.32 -4.08 10.73
N TRP B 208 27.15 -3.27 11.77
CA TRP B 208 27.03 -3.78 13.13
C TRP B 208 25.87 -4.78 13.16
N LEU B 209 24.74 -4.36 12.62
CA LEU B 209 23.55 -5.20 12.56
C LEU B 209 23.82 -6.47 11.76
N ARG B 210 24.46 -6.32 10.60
CA ARG B 210 24.76 -7.47 9.78
C ARG B 210 25.74 -8.41 10.48
N GLU B 211 26.58 -7.85 11.35
CA GLU B 211 27.53 -8.68 12.08
C GLU B 211 26.75 -9.55 13.06
N LYS B 212 25.81 -8.94 13.78
CA LYS B 212 25.01 -9.65 14.76
C LYS B 212 24.24 -10.85 14.21
N ILE B 213 23.69 -10.74 13.01
CA ILE B 213 22.95 -11.86 12.46
C ILE B 213 23.89 -12.84 11.77
N PRO B 220 24.88 -15.08 17.57
CA PRO B 220 25.05 -13.88 18.41
C PRO B 220 23.75 -13.44 19.09
N GLN B 221 23.84 -12.50 20.03
CA GLN B 221 22.65 -12.02 20.72
C GLN B 221 21.94 -11.00 19.82
N GLN B 222 20.87 -11.48 19.17
CA GLN B 222 20.09 -10.67 18.24
C GLN B 222 19.59 -9.32 18.77
N PRO B 223 19.76 -8.26 17.97
CA PRO B 223 19.33 -6.90 18.31
C PRO B 223 17.94 -6.57 17.78
N LEU B 224 17.43 -5.41 18.19
CA LEU B 224 16.12 -4.93 17.76
C LEU B 224 16.26 -3.51 17.28
N VAL B 225 15.37 -3.07 16.40
CA VAL B 225 15.38 -1.68 15.93
C VAL B 225 13.95 -1.23 16.17
N ILE B 226 13.78 -0.13 16.88
CA ILE B 226 12.46 0.37 17.21
C ILE B 226 12.21 1.78 16.68
N VAL B 227 11.21 1.90 15.80
CA VAL B 227 10.84 3.18 15.19
C VAL B 227 9.60 3.73 15.88
N VAL B 228 9.67 4.96 16.37
CA VAL B 228 8.49 5.51 17.03
C VAL B 228 8.29 7.01 16.84
N GLY B 229 7.02 7.40 16.72
CA GLY B 229 6.69 8.79 16.59
C GLY B 229 7.13 9.51 15.33
N THR B 230 6.99 8.87 14.18
CA THR B 230 7.34 9.51 12.94
C THR B 230 6.45 8.99 11.82
N SER B 231 6.18 9.84 10.84
CA SER B 231 5.35 9.45 9.71
C SER B 231 6.20 8.90 8.56
N LEU B 232 7.51 8.83 8.78
CA LEU B 232 8.42 8.32 7.76
C LEU B 232 8.09 8.88 6.40
N ALA B 233 7.87 10.19 6.38
CA ALA B 233 7.54 10.90 5.16
C ALA B 233 8.69 11.77 4.66
N VAL B 234 9.74 11.89 5.44
CA VAL B 234 10.88 12.73 5.06
C VAL B 234 12.17 11.97 4.78
N TYR B 235 12.80 12.30 3.65
CA TYR B 235 14.04 11.65 3.26
C TYR B 235 15.26 12.56 3.44
N PRO B 236 16.45 11.95 3.55
CA PRO B 236 16.69 10.49 3.50
C PRO B 236 16.46 9.71 4.80
N PHE B 237 15.93 10.35 5.83
CA PHE B 237 15.71 9.65 7.10
C PHE B 237 14.76 8.47 6.95
N ALA B 238 13.66 8.67 6.21
CA ALA B 238 12.66 7.64 5.99
C ALA B 238 13.17 6.41 5.26
N SER B 239 14.40 6.44 4.78
CA SER B 239 14.92 5.28 4.06
C SER B 239 15.68 4.32 4.97
N LEU B 240 15.71 4.61 6.27
CA LEU B 240 16.40 3.75 7.21
C LEU B 240 15.65 2.46 7.49
N PRO B 241 14.41 2.56 7.99
CA PRO B 241 13.69 1.32 8.27
C PRO B 241 13.75 0.23 7.19
N GLU B 242 13.74 0.61 5.93
CA GLU B 242 13.80 -0.39 4.87
C GLU B 242 15.22 -0.91 4.65
N GLU B 243 16.21 -0.22 5.22
CA GLU B 243 17.59 -0.66 5.06
C GLU B 243 18.04 -1.60 6.18
N ILE B 244 17.14 -1.85 7.13
CA ILE B 244 17.40 -2.76 8.22
C ILE B 244 17.42 -4.14 7.58
N PRO B 245 18.40 -4.99 7.94
CA PRO B 245 18.42 -6.32 7.33
C PRO B 245 17.15 -7.09 7.65
N ARG B 246 16.63 -7.81 6.67
CA ARG B 246 15.40 -8.57 6.87
C ARG B 246 15.47 -9.50 8.09
N LYS B 247 16.66 -9.98 8.42
CA LYS B 247 16.83 -10.87 9.57
C LYS B 247 16.90 -10.14 10.91
N VAL B 248 16.63 -8.84 10.91
CA VAL B 248 16.65 -8.08 12.15
C VAL B 248 15.26 -7.55 12.44
N LYS B 249 14.67 -8.01 13.55
CA LYS B 249 13.33 -7.62 13.95
C LYS B 249 13.13 -6.10 14.09
N ARG B 250 12.07 -5.59 13.47
CA ARG B 250 11.75 -4.16 13.50
C ARG B 250 10.45 -3.90 14.23
N VAL B 251 10.46 -2.89 15.09
CA VAL B 251 9.26 -2.53 15.84
C VAL B 251 8.83 -1.11 15.45
N LEU B 252 7.53 -0.92 15.30
CA LEU B 252 6.98 0.38 14.97
C LEU B 252 5.90 0.74 15.98
N CYS B 253 6.20 1.69 16.86
CA CYS B 253 5.23 2.16 17.84
C CYS B 253 4.83 3.53 17.33
N ASN B 254 3.68 3.61 16.69
CA ASN B 254 3.21 4.84 16.13
C ASN B 254 1.67 4.82 16.13
N LEU B 255 1.05 5.99 16.12
CA LEU B 255 -0.40 6.05 16.13
C LEU B 255 -0.96 5.44 14.86
N GLU B 256 -0.14 5.41 13.81
CA GLU B 256 -0.59 4.88 12.53
C GLU B 256 0.51 4.15 11.82
N THR B 257 0.16 3.12 11.06
CA THR B 257 1.14 2.35 10.31
C THR B 257 1.60 3.22 9.14
N VAL B 258 2.91 3.43 9.02
CA VAL B 258 3.45 4.28 7.97
C VAL B 258 4.69 3.74 7.31
N GLY B 259 5.15 4.45 6.27
CA GLY B 259 6.35 4.05 5.55
C GLY B 259 6.54 2.59 5.18
N ASP B 260 7.76 2.09 5.31
CA ASP B 260 8.04 0.70 4.94
C ASP B 260 7.21 -0.33 5.67
N PHE B 261 6.71 0.03 6.85
CA PHE B 261 5.90 -0.89 7.61
C PHE B 261 4.56 -1.06 6.91
N LYS B 262 4.14 -0.02 6.20
CA LYS B 262 2.88 -0.06 5.47
C LYS B 262 3.08 -0.63 4.06
N ALA B 263 4.18 -0.24 3.42
CA ALA B 263 4.49 -0.68 2.07
C ALA B 263 4.97 -2.13 1.95
N ASN B 264 5.96 -2.51 2.76
CA ASN B 264 6.51 -3.86 2.69
C ASN B 264 6.61 -4.56 4.03
N LYS B 265 5.48 -4.65 4.71
CA LYS B 265 5.40 -5.31 6.01
C LYS B 265 6.06 -6.69 5.96
N ARG B 266 6.88 -6.99 6.96
CA ARG B 266 7.56 -8.28 7.04
C ARG B 266 6.92 -9.20 8.07
N PRO B 267 7.00 -10.52 7.86
CA PRO B 267 6.41 -11.50 8.79
C PRO B 267 6.81 -11.22 10.23
N THR B 268 8.06 -10.84 10.46
CA THR B 268 8.54 -10.58 11.81
C THR B 268 8.34 -9.16 12.34
N ASP B 269 7.64 -8.31 11.59
CA ASP B 269 7.40 -6.95 12.06
C ASP B 269 6.43 -6.87 13.24
N LEU B 270 6.58 -5.84 14.04
CA LEU B 270 5.76 -5.59 15.22
C LEU B 270 5.20 -4.17 15.13
N ILE B 271 3.94 -4.02 14.78
CA ILE B 271 3.37 -2.68 14.71
C ILE B 271 2.46 -2.54 15.92
N VAL B 272 2.68 -1.46 16.66
CA VAL B 272 1.94 -1.13 17.87
C VAL B 272 1.34 0.26 17.72
N HIS B 273 0.02 0.36 17.59
CA HIS B 273 -0.63 1.65 17.48
C HIS B 273 -0.81 2.25 18.87
N GLN B 274 0.25 2.78 19.43
CA GLN B 274 0.18 3.34 20.78
C GLN B 274 0.95 4.64 20.91
N TYR B 275 0.62 5.41 21.95
CA TYR B 275 1.32 6.67 22.24
C TYR B 275 2.65 6.26 22.85
N SER B 276 3.72 6.95 22.46
CA SER B 276 5.07 6.64 22.94
C SER B 276 5.21 6.52 24.46
N ASP B 277 4.52 7.37 25.22
CA ASP B 277 4.64 7.26 26.66
C ASP B 277 3.97 6.01 27.23
N GLU B 278 2.77 5.68 26.74
CA GLU B 278 2.06 4.50 27.19
C GLU B 278 2.88 3.27 26.82
N PHE B 279 3.46 3.30 25.62
CA PHE B 279 4.28 2.19 25.16
C PHE B 279 5.46 2.06 26.09
N ALA B 280 6.08 3.20 26.41
CA ALA B 280 7.25 3.26 27.28
C ALA B 280 6.96 2.69 28.66
N GLU B 281 5.84 3.11 29.24
CA GLU B 281 5.43 2.62 30.55
C GLU B 281 5.31 1.10 30.58
N GLN B 282 4.51 0.57 29.66
CA GLN B 282 4.31 -0.87 29.60
C GLN B 282 5.55 -1.69 29.28
N LEU B 283 6.52 -1.12 28.57
CA LEU B 283 7.73 -1.86 28.24
C LEU B 283 8.57 -2.00 29.50
N VAL B 284 8.70 -0.90 30.24
CA VAL B 284 9.49 -0.89 31.47
C VAL B 284 8.99 -1.96 32.45
N GLU B 285 7.69 -1.93 32.77
CA GLU B 285 7.14 -2.93 33.69
C GLU B 285 7.53 -4.35 33.27
N GLU B 286 7.17 -4.74 32.05
CA GLU B 286 7.50 -6.07 31.54
C GLU B 286 8.98 -6.41 31.57
N LEU B 287 9.83 -5.40 31.46
CA LEU B 287 11.26 -5.65 31.49
C LEU B 287 11.69 -5.83 32.94
N GLY B 288 10.80 -5.45 33.84
CA GLY B 288 11.07 -5.55 35.26
C GLY B 288 11.95 -4.43 35.77
N TRP B 289 12.01 -3.34 35.02
CA TRP B 289 12.84 -2.21 35.39
C TRP B 289 12.07 -1.03 35.98
N GLN B 290 10.94 -1.28 36.63
CA GLN B 290 10.16 -0.17 37.20
C GLN B 290 11.00 0.66 38.15
N GLU B 291 11.60 0.00 39.15
CA GLU B 291 12.42 0.68 40.13
C GLU B 291 13.43 1.66 39.53
N ASP B 292 14.42 1.11 38.84
CA ASP B 292 15.45 1.93 38.21
C ASP B 292 14.84 3.09 37.44
N PHE B 293 13.74 2.82 36.74
CA PHE B 293 13.06 3.82 35.93
C PHE B 293 12.40 4.90 36.79
N GLU B 294 11.78 4.46 37.89
CA GLU B 294 11.12 5.37 38.82
C GLU B 294 12.16 6.37 39.34
N LYS B 295 13.33 5.84 39.68
CA LYS B 295 14.43 6.65 40.20
C LYS B 295 14.84 7.69 39.16
N ILE B 296 15.07 7.23 37.93
CA ILE B 296 15.46 8.13 36.85
C ILE B 296 14.41 9.22 36.63
N LEU B 297 13.14 8.89 36.87
CA LEU B 297 12.07 9.86 36.69
C LEU B 297 12.00 10.90 37.80
N THR B 298 12.16 10.45 39.04
CA THR B 298 12.11 11.34 40.20
C THR B 298 13.31 12.30 40.20
N ALA B 299 14.47 11.78 39.84
CA ALA B 299 15.70 12.58 39.78
C ALA B 299 15.54 13.78 38.85
N GLN B 300 14.46 13.78 38.06
CA GLN B 300 14.18 14.87 37.13
C GLN B 300 12.74 15.35 37.32
N HIS C 2 20.45 21.34 -3.42
CA HIS C 2 19.36 20.40 -3.83
C HIS C 2 19.93 19.09 -4.39
N GLY C 3 20.89 18.51 -3.66
CA GLY C 3 21.52 17.27 -4.07
C GLY C 3 20.62 16.06 -4.07
N MET C 4 21.12 14.97 -4.64
CA MET C 4 20.40 13.71 -4.75
C MET C 4 20.10 13.06 -3.39
N ALA C 5 20.77 13.52 -2.34
CA ALA C 5 20.59 12.96 -1.00
C ALA C 5 20.18 14.00 0.06
N SER C 6 19.78 15.17 -0.40
CA SER C 6 19.38 16.24 0.50
C SER C 6 18.01 15.95 1.11
N MET C 7 17.62 16.77 2.08
CA MET C 7 16.34 16.59 2.74
C MET C 7 15.15 16.91 1.86
N SER C 8 14.20 15.99 1.82
CA SER C 8 12.99 16.14 1.02
C SER C 8 11.77 15.46 1.63
N VAL C 9 10.59 15.91 1.20
CA VAL C 9 9.31 15.36 1.64
C VAL C 9 8.69 14.55 0.51
N SER C 10 8.14 13.39 0.84
CA SER C 10 7.50 12.56 -0.18
C SER C 10 6.05 13.00 -0.29
N THR C 11 5.50 13.38 0.86
CA THR C 11 4.11 13.80 0.97
C THR C 11 3.94 15.30 0.90
N ALA C 12 4.67 15.95 -0.01
CA ALA C 12 4.58 17.40 -0.12
C ALA C 12 3.16 17.87 -0.38
N SER C 13 2.84 19.08 0.06
CA SER C 13 1.53 19.67 -0.17
C SER C 13 1.44 19.98 -1.66
N THR C 14 0.25 20.33 -2.15
CA THR C 14 0.10 20.62 -3.56
C THR C 14 0.96 21.80 -4.00
N GLU C 15 0.86 22.92 -3.29
CA GLU C 15 1.65 24.10 -3.63
C GLU C 15 3.13 23.76 -3.76
N MET C 16 3.67 23.02 -2.80
CA MET C 16 5.08 22.68 -2.87
C MET C 16 5.35 21.76 -4.05
N SER C 17 4.43 20.82 -4.29
CA SER C 17 4.57 19.87 -5.39
C SER C 17 4.62 20.56 -6.74
N VAL C 18 3.65 21.42 -7.01
CA VAL C 18 3.59 22.15 -8.27
C VAL C 18 4.79 23.08 -8.36
N ARG C 19 5.28 23.50 -7.20
CA ARG C 19 6.43 24.39 -7.13
C ARG C 19 7.68 23.63 -7.58
N LYS C 20 7.88 22.46 -7.00
CA LYS C 20 9.02 21.62 -7.32
C LYS C 20 9.06 21.30 -8.82
N ILE C 21 7.90 21.00 -9.40
CA ILE C 21 7.83 20.67 -10.83
C ILE C 21 8.34 21.81 -11.69
N ALA C 22 7.73 22.98 -11.51
CA ALA C 22 8.11 24.18 -12.26
C ALA C 22 9.59 24.49 -12.07
N ALA C 23 10.09 24.24 -10.86
CA ALA C 23 11.49 24.51 -10.58
C ALA C 23 12.34 23.54 -11.38
N HIS C 24 11.94 22.28 -11.39
CA HIS C 24 12.69 21.26 -12.13
C HIS C 24 12.80 21.64 -13.59
N MET C 25 11.71 22.14 -14.16
CA MET C 25 11.72 22.54 -15.55
C MET C 25 12.61 23.78 -15.75
N LYS C 26 12.55 24.73 -14.81
CA LYS C 26 13.36 25.94 -14.88
C LYS C 26 14.85 25.63 -14.83
N SER C 27 15.23 24.71 -13.94
CA SER C 27 16.63 24.37 -13.79
C SER C 27 17.05 23.33 -14.81
N ASN C 28 16.12 23.01 -15.71
CA ASN C 28 16.38 22.04 -16.77
C ASN C 28 15.75 22.52 -18.05
N PRO C 29 15.96 23.79 -18.42
CA PRO C 29 15.34 24.27 -19.66
C PRO C 29 15.84 23.43 -20.83
N ASN C 30 15.04 23.36 -21.88
CA ASN C 30 15.40 22.59 -23.07
C ASN C 30 15.19 21.08 -22.89
N ALA C 31 14.88 20.65 -21.68
CA ALA C 31 14.63 19.23 -21.42
C ALA C 31 13.16 19.01 -21.75
N LYS C 32 12.83 17.85 -22.28
CA LYS C 32 11.45 17.58 -22.63
C LYS C 32 10.68 16.74 -21.61
N VAL C 33 9.36 16.78 -21.73
CA VAL C 33 8.48 16.08 -20.83
C VAL C 33 7.57 15.10 -21.55
N ILE C 34 7.36 13.93 -20.95
CA ILE C 34 6.48 12.92 -21.52
C ILE C 34 5.18 12.93 -20.74
N PHE C 35 4.06 12.90 -21.44
CA PHE C 35 2.76 12.89 -20.79
C PHE C 35 2.06 11.56 -21.03
N MET C 36 1.42 11.05 -19.98
CA MET C 36 0.68 9.80 -20.06
C MET C 36 -0.67 10.19 -19.51
N VAL C 37 -1.71 10.06 -20.33
CA VAL C 37 -3.02 10.50 -19.88
C VAL C 37 -4.18 9.55 -20.18
N GLY C 38 -5.28 9.78 -19.48
CA GLY C 38 -6.48 8.98 -19.62
C GLY C 38 -7.75 9.82 -19.55
N ALA C 39 -8.89 9.14 -19.44
CA ALA C 39 -10.20 9.80 -19.42
C ALA C 39 -10.34 11.00 -18.49
N GLY C 40 -9.50 11.05 -17.46
CA GLY C 40 -9.58 12.15 -16.52
C GLY C 40 -9.47 13.54 -17.12
N ILE C 41 -8.55 13.73 -18.07
CA ILE C 41 -8.37 15.04 -18.66
C ILE C 41 -9.49 15.57 -19.57
N SER C 42 -10.46 14.73 -19.93
CA SER C 42 -11.56 15.16 -20.82
C SER C 42 -12.86 15.30 -20.06
N THR C 43 -12.80 14.99 -18.78
CA THR C 43 -13.95 15.03 -17.91
C THR C 43 -14.61 16.41 -17.85
N SER C 44 -13.79 17.47 -17.79
CA SER C 44 -14.30 18.84 -17.73
C SER C 44 -14.88 19.27 -19.08
N CYS C 45 -14.56 18.50 -20.12
CA CYS C 45 -15.06 18.77 -21.47
C CYS C 45 -16.48 18.27 -21.60
N GLY C 46 -16.94 17.53 -20.58
CA GLY C 46 -18.29 16.98 -20.63
C GLY C 46 -18.31 15.54 -21.12
N ILE C 47 -17.18 14.85 -21.04
CA ILE C 47 -17.11 13.45 -21.44
C ILE C 47 -16.81 12.66 -20.17
N PRO C 48 -17.77 11.84 -19.74
CA PRO C 48 -17.59 11.04 -18.52
C PRO C 48 -16.39 10.12 -18.66
N ASP C 49 -15.71 9.81 -17.58
CA ASP C 49 -14.60 8.88 -17.70
C ASP C 49 -15.22 7.47 -17.60
N PHE C 50 -14.40 6.47 -17.31
CA PHE C 50 -14.92 5.11 -17.23
C PHE C 50 -15.28 4.56 -15.84
N ARG C 51 -14.46 4.85 -14.83
CA ARG C 51 -14.71 4.24 -13.54
C ARG C 51 -15.12 5.07 -12.34
N SER C 52 -15.29 6.38 -12.50
CA SER C 52 -15.69 7.21 -11.37
C SER C 52 -17.05 6.76 -10.83
N PRO C 53 -17.17 6.60 -9.51
CA PRO C 53 -18.42 6.18 -8.86
C PRO C 53 -19.63 6.90 -9.43
N GLY C 54 -20.67 6.14 -9.76
CA GLY C 54 -21.89 6.72 -10.29
C GLY C 54 -21.85 7.38 -11.67
N THR C 55 -20.88 8.27 -11.89
CA THR C 55 -20.79 9.00 -13.16
C THR C 55 -20.00 8.34 -14.28
N GLY C 56 -19.15 7.37 -13.94
CA GLY C 56 -18.36 6.70 -14.96
C GLY C 56 -19.24 6.02 -16.00
N LEU C 57 -18.69 5.81 -17.19
CA LEU C 57 -19.45 5.17 -18.25
C LEU C 57 -19.92 3.76 -17.88
N TYR C 58 -19.01 3.00 -17.27
CA TYR C 58 -19.28 1.63 -16.89
C TYR C 58 -20.38 1.46 -15.85
N HIS C 59 -20.83 2.55 -15.26
CA HIS C 59 -21.90 2.53 -14.27
C HIS C 59 -23.20 3.00 -14.93
N ASN C 60 -23.16 3.25 -16.24
CA ASN C 60 -24.34 3.74 -16.94
C ASN C 60 -24.76 3.03 -18.22
N LEU C 61 -24.46 1.75 -18.31
CA LEU C 61 -24.83 0.98 -19.49
C LEU C 61 -25.94 -0.04 -19.19
N ALA C 62 -26.70 0.20 -18.13
CA ALA C 62 -27.79 -0.71 -17.76
C ALA C 62 -28.72 -1.05 -18.93
N ARG C 63 -29.04 -0.06 -19.75
CA ARG C 63 -29.94 -0.29 -20.89
C ARG C 63 -29.41 -1.34 -21.87
N LEU C 64 -28.09 -1.43 -22.03
CA LEU C 64 -27.50 -2.39 -22.95
C LEU C 64 -27.57 -3.82 -22.47
N LYS C 65 -28.08 -4.03 -21.26
CA LYS C 65 -28.21 -5.37 -20.68
C LYS C 65 -27.00 -6.23 -20.97
N LEU C 66 -25.88 -5.92 -20.33
CA LEU C 66 -24.63 -6.65 -20.52
C LEU C 66 -24.32 -7.59 -19.37
N PRO C 67 -23.52 -8.64 -19.65
CA PRO C 67 -23.15 -9.61 -18.61
C PRO C 67 -22.24 -8.87 -17.63
N TYR C 68 -21.48 -7.92 -18.16
CA TYR C 68 -20.57 -7.09 -17.39
C TYR C 68 -20.33 -5.80 -18.16
N PRO C 69 -20.10 -4.69 -17.46
CA PRO C 69 -19.86 -3.36 -18.02
C PRO C 69 -18.89 -3.28 -19.19
N GLU C 70 -17.66 -3.71 -18.95
CA GLU C 70 -16.64 -3.64 -19.97
C GLU C 70 -16.89 -4.58 -21.16
N ALA C 71 -18.02 -5.27 -21.15
CA ALA C 71 -18.33 -6.18 -22.24
C ALA C 71 -18.51 -5.46 -23.58
N VAL C 72 -18.99 -4.21 -23.57
CA VAL C 72 -19.18 -3.51 -24.84
C VAL C 72 -17.83 -3.34 -25.51
N PHE C 73 -16.75 -3.37 -24.73
CA PHE C 73 -15.43 -3.18 -25.29
C PHE C 73 -14.55 -4.42 -25.13
N ASP C 74 -15.15 -5.59 -25.28
CA ASP C 74 -14.45 -6.87 -25.17
C ASP C 74 -14.65 -7.62 -26.49
N VAL C 75 -13.58 -8.05 -27.16
CA VAL C 75 -13.76 -8.76 -28.43
C VAL C 75 -14.51 -10.07 -28.30
N ASP C 76 -14.33 -10.75 -27.18
CA ASP C 76 -15.00 -12.01 -26.96
C ASP C 76 -16.50 -11.83 -26.97
N PHE C 77 -16.97 -10.78 -26.31
CA PHE C 77 -18.40 -10.53 -26.25
C PHE C 77 -18.88 -9.97 -27.59
N PHE C 78 -18.06 -9.13 -28.21
CA PHE C 78 -18.39 -8.53 -29.48
C PHE C 78 -18.54 -9.57 -30.57
N GLN C 79 -17.60 -10.52 -30.60
CA GLN C 79 -17.61 -11.57 -31.59
C GLN C 79 -18.86 -12.45 -31.51
N SER C 80 -19.50 -12.49 -30.34
CA SER C 80 -20.70 -13.30 -30.16
C SER C 80 -21.98 -12.48 -30.19
N ASP C 81 -21.86 -11.18 -30.00
CA ASP C 81 -23.03 -10.30 -30.00
C ASP C 81 -22.59 -8.85 -30.12
N PRO C 82 -22.49 -8.35 -31.36
CA PRO C 82 -22.08 -6.96 -31.66
C PRO C 82 -23.15 -5.90 -31.53
N LEU C 83 -24.41 -6.31 -31.37
CA LEU C 83 -25.49 -5.33 -31.28
C LEU C 83 -25.26 -4.27 -30.19
N PRO C 84 -24.87 -4.70 -28.98
CA PRO C 84 -24.64 -3.74 -27.88
C PRO C 84 -23.66 -2.63 -28.24
N PHE C 85 -22.54 -2.97 -28.87
CA PHE C 85 -21.58 -1.94 -29.26
C PHE C 85 -22.20 -1.00 -30.30
N TYR C 86 -22.75 -1.58 -31.36
CA TYR C 86 -23.39 -0.79 -32.41
C TYR C 86 -24.35 0.21 -31.78
N THR C 87 -25.15 -0.27 -30.83
CA THR C 87 -26.12 0.57 -30.14
C THR C 87 -25.44 1.73 -29.44
N LEU C 88 -24.23 1.49 -28.96
CA LEU C 88 -23.48 2.52 -28.23
C LEU C 88 -22.61 3.35 -29.17
N ALA C 89 -21.85 2.66 -30.01
CA ALA C 89 -20.92 3.27 -30.96
C ALA C 89 -21.30 4.65 -31.49
N LYS C 90 -22.57 4.84 -31.83
CA LYS C 90 -23.04 6.11 -32.37
C LYS C 90 -22.48 7.34 -31.64
N GLU C 91 -22.66 7.36 -30.32
CA GLU C 91 -22.22 8.47 -29.48
C GLU C 91 -20.77 8.48 -29.01
N LEU C 92 -19.95 7.58 -29.55
CA LEU C 92 -18.56 7.54 -29.15
C LEU C 92 -17.65 8.34 -30.08
N TYR C 93 -18.13 8.58 -31.30
CA TYR C 93 -17.37 9.32 -32.32
C TYR C 93 -16.98 10.74 -31.89
N PRO C 94 -15.74 11.15 -32.16
CA PRO C 94 -15.19 12.46 -31.83
C PRO C 94 -15.87 13.59 -32.59
N GLY C 95 -15.63 14.82 -32.15
CA GLY C 95 -16.18 15.97 -32.83
C GLY C 95 -17.30 16.77 -32.20
N ASN C 96 -17.69 16.44 -30.97
CA ASN C 96 -18.76 17.18 -30.31
C ASN C 96 -18.28 17.97 -29.10
N PHE C 97 -16.98 17.94 -28.87
CA PHE C 97 -16.43 18.64 -27.71
C PHE C 97 -15.20 19.45 -28.04
N ARG C 98 -14.93 20.45 -27.21
CA ARG C 98 -13.76 21.30 -27.39
C ARG C 98 -12.74 20.93 -26.31
N PRO C 99 -11.45 20.99 -26.66
CA PRO C 99 -10.37 20.65 -25.71
C PRO C 99 -10.50 21.38 -24.38
N SER C 100 -9.86 20.84 -23.35
CA SER C 100 -9.91 21.47 -22.03
C SER C 100 -8.63 22.25 -21.84
N LYS C 101 -8.60 23.06 -20.79
CA LYS C 101 -7.41 23.83 -20.53
C LYS C 101 -6.21 22.89 -20.42
N PHE C 102 -6.39 21.75 -19.76
CA PHE C 102 -5.26 20.82 -19.65
C PHE C 102 -4.76 20.49 -21.05
N HIS C 103 -5.70 20.19 -21.94
CA HIS C 103 -5.35 19.86 -23.31
C HIS C 103 -4.47 20.96 -23.94
N TYR C 104 -4.95 22.20 -23.87
CA TYR C 104 -4.17 23.30 -24.44
C TYR C 104 -2.82 23.45 -23.76
N LEU C 105 -2.71 22.92 -22.54
CA LEU C 105 -1.45 22.97 -21.79
C LEU C 105 -0.40 22.13 -22.51
N LEU C 106 -0.85 21.11 -23.23
CA LEU C 106 0.06 20.26 -23.98
C LEU C 106 0.58 21.05 -25.19
N LYS C 107 -0.33 21.78 -25.82
CA LYS C 107 0.02 22.60 -26.97
C LYS C 107 1.09 23.61 -26.54
N LEU C 108 0.85 24.28 -25.42
CA LEU C 108 1.78 25.27 -24.88
C LEU C 108 3.14 24.62 -24.72
N PHE C 109 3.17 23.47 -24.07
CA PHE C 109 4.41 22.75 -23.88
C PHE C 109 5.09 22.46 -25.22
N GLN C 110 4.27 22.28 -26.25
CA GLN C 110 4.77 22.01 -27.60
C GLN C 110 5.43 23.28 -28.14
N ASP C 111 4.71 24.39 -28.07
CA ASP C 111 5.22 25.68 -28.53
C ASP C 111 6.59 25.97 -27.91
N LYS C 112 6.73 25.65 -26.63
CA LYS C 112 7.99 25.88 -25.94
C LYS C 112 8.99 24.78 -26.26
N ASP C 113 8.66 23.95 -27.24
CA ASP C 113 9.53 22.85 -27.65
C ASP C 113 9.95 22.05 -26.41
N VAL C 114 8.98 21.79 -25.53
CA VAL C 114 9.29 21.07 -24.31
C VAL C 114 8.42 19.82 -24.11
N LEU C 115 7.67 19.44 -25.13
CA LEU C 115 6.82 18.26 -25.08
C LEU C 115 7.44 17.17 -25.94
N LYS C 116 7.85 16.07 -25.31
CA LYS C 116 8.47 14.94 -26.01
C LYS C 116 7.43 14.02 -26.66
N ARG C 117 6.44 13.64 -25.88
CA ARG C 117 5.40 12.76 -26.38
C ARG C 117 4.22 12.78 -25.44
N VAL C 118 3.06 12.43 -25.97
CA VAL C 118 1.84 12.36 -25.18
C VAL C 118 1.22 11.00 -25.44
N TYR C 119 1.36 10.09 -24.50
CA TYR C 119 0.73 8.78 -24.64
C TYR C 119 -0.68 8.96 -24.08
N THR C 120 -1.69 8.71 -24.89
CA THR C 120 -3.07 8.90 -24.46
C THR C 120 -3.91 7.63 -24.65
N GLN C 121 -4.81 7.39 -23.71
CA GLN C 121 -5.70 6.23 -23.75
C GLN C 121 -7.06 6.67 -24.24
N ASN C 122 -7.23 7.97 -24.45
CA ASN C 122 -8.50 8.50 -24.92
C ASN C 122 -8.67 8.29 -26.42
N ILE C 123 -9.92 8.32 -26.87
CA ILE C 123 -10.23 8.16 -28.27
C ILE C 123 -11.08 9.35 -28.72
N ASP C 124 -11.00 10.44 -27.98
CA ASP C 124 -11.77 11.65 -28.27
C ASP C 124 -10.99 12.58 -29.20
N THR C 125 -9.75 12.21 -29.50
CA THR C 125 -8.89 13.00 -30.37
C THR C 125 -8.76 14.46 -29.92
N LEU C 126 -8.99 14.71 -28.63
CA LEU C 126 -8.93 16.07 -28.10
C LEU C 126 -7.54 16.68 -27.97
N GLU C 127 -6.50 15.85 -27.90
CA GLU C 127 -5.17 16.43 -27.83
C GLU C 127 -4.88 17.02 -29.22
N ARG C 128 -5.32 16.32 -30.27
CA ARG C 128 -5.14 16.76 -31.64
C ARG C 128 -5.91 18.07 -31.85
N GLN C 129 -7.19 18.08 -31.53
CA GLN C 129 -8.04 19.26 -31.68
C GLN C 129 -7.46 20.49 -30.98
N ALA C 130 -6.55 20.29 -30.03
CA ALA C 130 -5.94 21.39 -29.30
C ALA C 130 -4.68 21.93 -30.00
N GLY C 131 -4.19 21.20 -31.00
CA GLY C 131 -3.01 21.65 -31.72
C GLY C 131 -1.76 20.79 -31.62
N VAL C 132 -1.82 19.72 -30.86
CA VAL C 132 -0.66 18.86 -30.72
C VAL C 132 -0.42 18.11 -32.03
N LYS C 133 0.83 18.13 -32.50
CA LYS C 133 1.21 17.44 -33.74
C LYS C 133 1.01 15.93 -33.62
N ASP C 134 0.55 15.31 -34.70
CA ASP C 134 0.31 13.87 -34.71
C ASP C 134 1.54 13.04 -34.33
N ASP C 135 2.72 13.54 -34.67
CA ASP C 135 3.97 12.84 -34.38
C ASP C 135 4.29 12.82 -32.89
N LEU C 136 3.68 13.72 -32.14
CA LEU C 136 3.91 13.80 -30.71
C LEU C 136 2.81 13.10 -29.92
N ILE C 137 1.81 12.59 -30.64
CA ILE C 137 0.67 11.92 -30.04
C ILE C 137 0.64 10.42 -30.28
N ILE C 138 0.56 9.62 -29.21
CA ILE C 138 0.47 8.17 -29.34
C ILE C 138 -0.87 7.72 -28.78
N GLU C 139 -1.77 7.27 -29.66
CA GLU C 139 -3.07 6.80 -29.23
C GLU C 139 -2.96 5.31 -28.91
N ALA C 140 -2.53 5.01 -27.69
CA ALA C 140 -2.34 3.66 -27.20
C ALA C 140 -3.58 2.77 -27.33
N HIS C 141 -4.75 3.38 -27.36
CA HIS C 141 -5.97 2.59 -27.43
C HIS C 141 -6.77 2.76 -28.71
N GLY C 142 -6.07 3.06 -29.79
CA GLY C 142 -6.73 3.20 -31.08
C GLY C 142 -7.39 4.51 -31.44
N SER C 143 -8.31 4.42 -32.40
CA SER C 143 -9.02 5.59 -32.89
C SER C 143 -10.07 5.19 -33.90
N PHE C 144 -10.85 6.17 -34.34
CA PHE C 144 -11.90 5.93 -35.34
C PHE C 144 -11.38 6.28 -36.74
N ALA C 145 -10.10 6.63 -36.82
CA ALA C 145 -9.45 6.98 -38.09
C ALA C 145 -9.83 5.97 -39.17
N HIS C 146 -9.77 4.68 -38.83
CA HIS C 146 -10.12 3.64 -39.79
C HIS C 146 -10.80 2.49 -39.08
N CYS C 147 -11.07 1.41 -39.81
CA CYS C 147 -11.70 0.23 -39.26
C CYS C 147 -10.86 -0.99 -39.58
N HIS C 148 -11.17 -2.11 -38.93
CA HIS C 148 -10.44 -3.34 -39.18
C HIS C 148 -11.30 -4.57 -38.97
N CYS C 149 -10.80 -5.70 -39.46
CA CYS C 149 -11.49 -6.96 -39.30
C CYS C 149 -10.91 -7.61 -38.05
N ILE C 150 -11.76 -8.11 -37.16
CA ILE C 150 -11.26 -8.75 -35.95
C ILE C 150 -10.74 -10.15 -36.23
N GLY C 151 -10.66 -10.52 -37.51
CA GLY C 151 -10.17 -11.85 -37.86
C GLY C 151 -8.84 -11.81 -38.59
N CYS C 152 -8.86 -11.36 -39.83
CA CYS C 152 -7.66 -11.29 -40.63
C CYS C 152 -6.90 -9.99 -40.34
N GLY C 153 -7.62 -9.00 -39.84
CA GLY C 153 -7.02 -7.71 -39.53
C GLY C 153 -7.01 -6.73 -40.69
N LYS C 154 -7.70 -7.06 -41.77
CA LYS C 154 -7.72 -6.16 -42.92
C LYS C 154 -8.24 -4.79 -42.51
N VAL C 155 -7.60 -3.76 -43.03
CA VAL C 155 -7.96 -2.39 -42.73
C VAL C 155 -8.95 -1.84 -43.75
N TYR C 156 -9.91 -1.07 -43.26
CA TYR C 156 -10.94 -0.47 -44.11
C TYR C 156 -11.19 0.99 -43.73
N PRO C 157 -11.81 1.75 -44.63
CA PRO C 157 -12.12 3.15 -44.38
C PRO C 157 -13.19 3.17 -43.29
N PRO C 158 -13.41 4.32 -42.64
CA PRO C 158 -14.41 4.43 -41.58
C PRO C 158 -15.87 4.32 -42.03
N GLN C 159 -16.25 5.21 -42.94
CA GLN C 159 -17.62 5.31 -43.46
C GLN C 159 -18.50 4.07 -43.59
N VAL C 160 -17.99 2.97 -44.13
CA VAL C 160 -18.81 1.78 -44.29
C VAL C 160 -19.42 1.31 -42.95
N PHE C 161 -18.64 1.38 -41.88
CA PHE C 161 -19.13 0.97 -40.56
C PHE C 161 -20.07 2.02 -39.99
N LYS C 162 -19.71 3.30 -40.13
CA LYS C 162 -20.53 4.37 -39.59
C LYS C 162 -21.94 4.51 -40.15
N SER C 163 -22.09 4.42 -41.46
CA SER C 163 -23.42 4.54 -42.06
C SER C 163 -24.33 3.43 -41.56
N LYS C 164 -23.74 2.25 -41.37
CA LYS C 164 -24.46 1.09 -40.87
C LYS C 164 -25.14 1.38 -39.53
N LEU C 165 -24.70 2.42 -38.85
CA LEU C 165 -25.26 2.80 -37.55
C LEU C 165 -26.54 3.61 -37.60
N ALA C 166 -26.78 4.26 -38.74
CA ALA C 166 -27.98 5.07 -38.90
C ALA C 166 -29.23 4.20 -39.03
N GLU C 167 -29.12 3.17 -39.86
CA GLU C 167 -30.23 2.24 -40.09
C GLU C 167 -31.00 1.96 -38.80
N HIS C 168 -32.27 2.37 -38.77
CA HIS C 168 -33.10 2.18 -37.59
C HIS C 168 -32.87 0.78 -36.99
N PRO C 169 -33.40 -0.29 -37.61
CA PRO C 169 -33.12 -1.59 -36.98
C PRO C 169 -31.78 -2.13 -37.51
N ILE C 170 -30.68 -1.79 -36.84
CA ILE C 170 -29.36 -2.26 -37.27
C ILE C 170 -29.27 -3.78 -37.33
N LYS C 171 -29.25 -4.32 -38.54
CA LYS C 171 -29.16 -5.77 -38.75
C LYS C 171 -28.07 -6.04 -39.76
N ASP C 172 -27.66 -7.31 -39.87
CA ASP C 172 -26.62 -7.71 -40.80
C ASP C 172 -25.41 -6.79 -40.59
N PHE C 173 -24.61 -7.10 -39.58
CA PHE C 173 -23.44 -6.29 -39.25
C PHE C 173 -22.28 -6.41 -40.24
N VAL C 174 -21.60 -5.30 -40.45
CA VAL C 174 -20.46 -5.22 -41.37
C VAL C 174 -19.50 -6.38 -41.17
N LYS C 175 -19.12 -7.04 -42.26
CA LYS C 175 -18.19 -8.16 -42.20
C LYS C 175 -17.07 -8.10 -43.23
N CYS C 176 -15.91 -8.61 -42.85
CA CYS C 176 -14.74 -8.64 -43.70
C CYS C 176 -15.04 -9.38 -44.98
N ASP C 177 -14.88 -8.69 -46.11
CA ASP C 177 -15.16 -9.31 -47.40
C ASP C 177 -13.99 -10.14 -47.92
N VAL C 178 -13.04 -10.46 -47.04
CA VAL C 178 -11.90 -11.27 -47.45
C VAL C 178 -11.67 -12.42 -46.46
N CYS C 179 -12.51 -12.52 -45.44
CA CYS C 179 -12.39 -13.60 -44.45
C CYS C 179 -13.70 -13.88 -43.73
N GLY C 180 -14.67 -12.98 -43.88
CA GLY C 180 -15.97 -13.19 -43.25
C GLY C 180 -16.19 -12.67 -41.83
N GLU C 181 -15.12 -12.50 -41.07
CA GLU C 181 -15.23 -12.01 -39.70
C GLU C 181 -15.77 -10.58 -39.60
N LEU C 182 -16.17 -10.20 -38.39
CA LEU C 182 -16.73 -8.87 -38.11
C LEU C 182 -15.72 -7.73 -38.21
N VAL C 183 -16.23 -6.57 -38.63
CA VAL C 183 -15.40 -5.37 -38.76
C VAL C 183 -15.88 -4.32 -37.76
N LYS C 184 -14.95 -3.54 -37.24
CA LYS C 184 -15.28 -2.49 -36.28
C LYS C 184 -14.22 -1.39 -36.32
N PRO C 185 -14.56 -0.20 -35.80
CA PRO C 185 -13.57 0.86 -35.81
C PRO C 185 -12.37 0.42 -34.98
N ALA C 186 -11.18 0.85 -35.38
CA ALA C 186 -9.94 0.48 -34.72
C ALA C 186 -9.71 0.94 -33.28
N ILE C 187 -10.77 1.02 -32.48
CA ILE C 187 -10.57 1.40 -31.08
C ILE C 187 -10.31 0.08 -30.32
N VAL C 188 -9.27 0.06 -29.50
CA VAL C 188 -8.90 -1.15 -28.77
C VAL C 188 -9.90 -1.69 -27.77
N PHE C 189 -10.16 -2.99 -27.87
CA PHE C 189 -11.07 -3.72 -26.99
C PHE C 189 -10.23 -4.68 -26.17
N PHE C 190 -10.76 -5.11 -25.02
CA PHE C 190 -10.04 -6.06 -24.19
C PHE C 190 -9.88 -7.31 -25.07
N GLY C 191 -8.70 -7.91 -25.03
CA GLY C 191 -8.48 -9.09 -25.84
C GLY C 191 -7.67 -8.81 -27.09
N GLU C 192 -7.73 -7.57 -27.58
CA GLU C 192 -6.98 -7.18 -28.77
C GLU C 192 -5.61 -6.62 -28.44
N ASP C 193 -4.71 -6.66 -29.42
CA ASP C 193 -3.36 -6.12 -29.25
C ASP C 193 -3.39 -4.62 -29.56
N LEU C 194 -2.73 -3.83 -28.73
CA LEU C 194 -2.71 -2.38 -28.96
C LEU C 194 -1.98 -2.12 -30.27
N PRO C 195 -2.10 -0.89 -30.80
CA PRO C 195 -1.42 -0.57 -32.06
C PRO C 195 0.09 -0.66 -31.96
N ASP C 196 0.71 -1.15 -33.03
CA ASP C 196 2.16 -1.33 -33.13
C ASP C 196 2.99 -0.15 -32.64
N SER C 197 2.61 1.05 -33.06
CA SER C 197 3.36 2.26 -32.68
C SER C 197 3.43 2.52 -31.18
N PHE C 198 2.47 2.00 -30.42
CA PHE C 198 2.48 2.21 -28.98
C PHE C 198 3.71 1.58 -28.36
N SER C 199 3.76 0.25 -28.39
CA SER C 199 4.88 -0.48 -27.81
C SER C 199 6.22 -0.08 -28.42
N GLU C 200 6.22 0.25 -29.71
CA GLU C 200 7.46 0.63 -30.37
C GLU C 200 7.95 2.05 -30.09
N THR C 201 7.03 3.01 -30.03
CA THR C 201 7.41 4.39 -29.73
C THR C 201 7.93 4.46 -28.29
N TRP C 202 7.32 3.66 -27.42
CA TRP C 202 7.71 3.60 -26.02
C TRP C 202 9.09 2.96 -25.89
N LEU C 203 9.39 2.03 -26.78
CA LEU C 203 10.68 1.36 -26.80
C LEU C 203 11.77 2.41 -27.06
N ASN C 204 11.46 3.37 -27.92
CA ASN C 204 12.41 4.41 -28.24
C ASN C 204 12.43 5.46 -27.15
N ASP C 205 11.25 5.89 -26.71
CA ASP C 205 11.17 6.90 -25.68
C ASP C 205 11.85 6.40 -24.40
N SER C 206 11.83 5.09 -24.18
CA SER C 206 12.46 4.51 -23.00
C SER C 206 13.98 4.61 -23.13
N GLU C 207 14.48 4.43 -24.35
CA GLU C 207 15.92 4.52 -24.59
C GLU C 207 16.33 5.98 -24.48
N TRP C 208 15.43 6.86 -24.91
CA TRP C 208 15.67 8.30 -24.85
C TRP C 208 15.82 8.68 -23.38
N LEU C 209 14.94 8.15 -22.54
CA LEU C 209 15.00 8.45 -21.12
C LEU C 209 16.34 7.94 -20.58
N ARG C 210 16.62 6.66 -20.82
CA ARG C 210 17.86 6.04 -20.36
C ARG C 210 19.13 6.80 -20.77
N GLU C 211 19.09 7.48 -21.91
CA GLU C 211 20.27 8.21 -22.39
C GLU C 211 20.38 9.63 -21.88
N LYS C 212 19.37 10.07 -21.14
CA LYS C 212 19.38 11.42 -20.58
C LYS C 212 19.88 11.39 -19.14
N ILE C 213 20.04 10.20 -18.60
CA ILE C 213 20.50 10.05 -17.22
C ILE C 213 22.00 9.79 -17.13
N LYS C 218 27.88 11.66 -19.18
CA LYS C 218 27.89 13.10 -18.92
C LYS C 218 26.61 13.60 -18.25
N HIS C 219 26.16 14.80 -18.63
CA HIS C 219 24.97 15.37 -18.01
C HIS C 219 23.95 16.06 -18.91
N PRO C 220 23.04 15.28 -19.54
CA PRO C 220 22.01 15.84 -20.41
C PRO C 220 20.90 16.47 -19.57
N GLN C 221 20.18 17.44 -20.14
CA GLN C 221 19.08 18.07 -19.40
C GLN C 221 18.14 16.97 -18.92
N GLN C 222 17.72 17.03 -17.67
CA GLN C 222 16.86 15.99 -17.10
C GLN C 222 15.37 16.03 -17.47
N PRO C 223 14.88 14.96 -18.11
CA PRO C 223 13.49 14.80 -18.56
C PRO C 223 12.50 14.85 -17.40
N LEU C 224 11.31 14.31 -17.64
CA LEU C 224 10.26 14.29 -16.63
C LEU C 224 9.06 13.60 -17.26
N VAL C 225 8.45 12.67 -16.51
CA VAL C 225 7.29 11.95 -17.00
C VAL C 225 6.12 12.34 -16.11
N ILE C 226 5.05 12.83 -16.73
CA ILE C 226 3.89 13.24 -15.98
C ILE C 226 2.66 12.44 -16.36
N VAL C 227 2.12 11.71 -15.39
CA VAL C 227 0.93 10.90 -15.60
C VAL C 227 -0.26 11.66 -15.02
N VAL C 228 -1.36 11.72 -15.76
CA VAL C 228 -2.52 12.44 -15.29
C VAL C 228 -3.86 11.97 -15.86
N GLY C 229 -4.90 12.02 -15.01
CA GLY C 229 -6.24 11.63 -15.39
C GLY C 229 -6.49 10.16 -15.71
N THR C 230 -5.74 9.26 -15.09
CA THR C 230 -5.94 7.84 -15.36
C THR C 230 -5.85 7.02 -14.09
N SER C 231 -6.69 6.00 -13.97
CA SER C 231 -6.68 5.13 -12.78
C SER C 231 -5.66 3.99 -12.92
N LEU C 232 -4.99 3.92 -14.06
CA LEU C 232 -3.99 2.88 -14.30
C LEU C 232 -4.54 1.49 -14.04
N ALA C 233 -5.81 1.30 -14.39
CA ALA C 233 -6.49 0.02 -14.19
C ALA C 233 -6.35 -0.94 -15.38
N VAL C 234 -5.86 -0.42 -16.51
CA VAL C 234 -5.72 -1.24 -17.71
C VAL C 234 -4.29 -1.42 -18.19
N TYR C 235 -3.95 -2.66 -18.51
CA TYR C 235 -2.64 -2.98 -19.04
C TYR C 235 -2.81 -3.20 -20.54
N PRO C 236 -1.72 -3.12 -21.30
CA PRO C 236 -0.35 -2.84 -20.86
C PRO C 236 -0.01 -1.38 -20.55
N PHE C 237 -0.94 -0.48 -20.77
CA PHE C 237 -0.64 0.93 -20.51
C PHE C 237 -0.13 1.17 -19.10
N ALA C 238 -0.80 0.55 -18.12
CA ALA C 238 -0.44 0.72 -16.72
C ALA C 238 0.98 0.28 -16.37
N SER C 239 1.64 -0.36 -17.31
CA SER C 239 3.00 -0.82 -17.06
C SER C 239 4.01 0.28 -17.39
N LEU C 240 3.57 1.31 -18.11
CA LEU C 240 4.46 2.40 -18.47
C LEU C 240 5.02 3.14 -17.27
N PRO C 241 4.14 3.67 -16.40
CA PRO C 241 4.68 4.38 -15.23
C PRO C 241 5.61 3.55 -14.36
N GLU C 242 5.46 2.23 -14.35
CA GLU C 242 6.37 1.43 -13.55
C GLU C 242 7.68 1.19 -14.31
N GLU C 243 7.60 1.18 -15.64
CA GLU C 243 8.79 0.99 -16.49
C GLU C 243 9.65 2.26 -16.64
N ILE C 244 9.30 3.33 -15.93
CA ILE C 244 10.09 4.57 -15.99
C ILE C 244 11.34 4.42 -15.11
N PRO C 245 12.53 4.75 -15.65
CA PRO C 245 13.75 4.61 -14.86
C PRO C 245 13.68 5.39 -13.54
N ARG C 246 14.23 4.81 -12.49
CA ARG C 246 14.20 5.45 -11.18
C ARG C 246 14.85 6.83 -11.16
N LYS C 247 15.93 7.00 -11.93
CA LYS C 247 16.64 8.28 -11.98
C LYS C 247 15.89 9.38 -12.74
N VAL C 248 14.62 9.15 -13.03
CA VAL C 248 13.78 10.12 -13.74
C VAL C 248 12.53 10.39 -12.91
N LYS C 249 12.32 11.64 -12.53
CA LYS C 249 11.15 11.97 -11.71
C LYS C 249 9.80 11.72 -12.37
N ARG C 250 8.87 11.19 -11.58
CA ARG C 250 7.52 10.90 -12.03
C ARG C 250 6.57 11.85 -11.32
N VAL C 251 5.54 12.30 -12.02
CA VAL C 251 4.56 13.19 -11.42
C VAL C 251 3.21 12.56 -11.68
N LEU C 252 2.37 12.52 -10.65
CA LEU C 252 1.04 11.95 -10.83
C LEU C 252 0.00 13.00 -10.50
N CYS C 253 -0.74 13.44 -11.50
CA CYS C 253 -1.79 14.42 -11.28
C CYS C 253 -3.11 13.69 -11.48
N ASN C 254 -3.77 13.38 -10.38
CA ASN C 254 -5.02 12.63 -10.43
C ASN C 254 -5.79 12.91 -9.15
N LEU C 255 -7.10 12.68 -9.18
CA LEU C 255 -7.88 12.93 -7.99
C LEU C 255 -7.48 11.97 -6.85
N GLU C 256 -6.90 10.84 -7.22
CA GLU C 256 -6.48 9.86 -6.22
C GLU C 256 -5.19 9.17 -6.63
N THR C 257 -4.42 8.72 -5.65
CA THR C 257 -3.18 8.04 -5.95
C THR C 257 -3.58 6.67 -6.49
N VAL C 258 -2.91 6.23 -7.54
CA VAL C 258 -3.23 4.95 -8.16
C VAL C 258 -2.01 4.25 -8.73
N GLY C 259 -2.27 3.11 -9.36
CA GLY C 259 -1.21 2.33 -9.97
C GLY C 259 0.06 2.19 -9.17
N ASP C 260 1.18 2.25 -9.88
CA ASP C 260 2.50 2.13 -9.27
C ASP C 260 2.77 3.25 -8.28
N PHE C 261 1.86 4.21 -8.19
CA PHE C 261 2.07 5.32 -7.25
C PHE C 261 1.57 4.96 -5.87
N LYS C 262 0.53 4.14 -5.81
CA LYS C 262 -0.02 3.71 -4.53
C LYS C 262 0.81 2.51 -4.10
N ALA C 263 1.11 1.64 -5.06
CA ALA C 263 1.90 0.45 -4.81
C ALA C 263 3.32 0.79 -4.38
N ASN C 264 4.24 0.81 -5.34
CA ASN C 264 5.64 1.10 -5.05
C ASN C 264 6.00 2.55 -5.28
N LYS C 265 5.50 3.42 -4.41
CA LYS C 265 5.77 4.86 -4.49
C LYS C 265 7.25 5.14 -4.28
N ARG C 266 7.85 5.89 -5.19
CA ARG C 266 9.25 6.24 -5.13
C ARG C 266 9.38 7.53 -4.34
N PRO C 267 10.36 7.61 -3.44
CA PRO C 267 10.56 8.81 -2.63
C PRO C 267 10.32 10.09 -3.42
N THR C 268 11.00 10.20 -4.56
CA THR C 268 10.91 11.37 -5.45
C THR C 268 9.58 11.66 -6.15
N ASP C 269 8.69 10.67 -6.25
CA ASP C 269 7.42 10.90 -6.91
C ASP C 269 6.71 12.16 -6.41
N LEU C 270 6.16 12.93 -7.35
CA LEU C 270 5.41 14.12 -7.01
C LEU C 270 3.92 13.83 -7.22
N ILE C 271 3.21 13.61 -6.13
CA ILE C 271 1.78 13.30 -6.20
C ILE C 271 0.95 14.54 -5.93
N VAL C 272 0.00 14.79 -6.83
CA VAL C 272 -0.86 15.97 -6.74
C VAL C 272 -2.32 15.60 -6.99
N HIS C 273 -3.16 15.84 -5.99
CA HIS C 273 -4.58 15.52 -6.12
C HIS C 273 -5.41 16.73 -6.57
N GLN C 274 -5.24 17.15 -7.82
CA GLN C 274 -5.99 18.29 -8.34
C GLN C 274 -6.72 17.87 -9.60
N TYR C 275 -7.66 18.70 -10.03
CA TYR C 275 -8.35 18.43 -11.30
C TYR C 275 -7.31 18.81 -12.33
N SER C 276 -7.18 18.02 -13.39
CA SER C 276 -6.19 18.31 -14.43
C SER C 276 -6.19 19.78 -14.91
N ASP C 277 -7.38 20.38 -15.04
CA ASP C 277 -7.46 21.78 -15.50
C ASP C 277 -6.85 22.74 -14.49
N GLU C 278 -7.08 22.49 -13.21
CA GLU C 278 -6.55 23.35 -12.17
C GLU C 278 -5.03 23.19 -12.14
N PHE C 279 -4.57 21.95 -12.31
CA PHE C 279 -3.16 21.64 -12.33
C PHE C 279 -2.48 22.44 -13.45
N ALA C 280 -3.15 22.53 -14.59
CA ALA C 280 -2.60 23.25 -15.73
C ALA C 280 -2.44 24.73 -15.40
N GLU C 281 -3.53 25.35 -14.97
CA GLU C 281 -3.51 26.75 -14.60
C GLU C 281 -2.40 27.04 -13.61
N GLN C 282 -2.33 26.24 -12.55
CA GLN C 282 -1.32 26.44 -11.52
C GLN C 282 0.08 26.24 -12.04
N LEU C 283 0.29 25.24 -12.87
CA LEU C 283 1.61 24.97 -13.44
C LEU C 283 2.02 26.12 -14.38
N VAL C 284 1.06 26.60 -15.16
CA VAL C 284 1.32 27.67 -16.11
C VAL C 284 1.72 28.95 -15.37
N GLU C 285 1.11 29.16 -14.20
CA GLU C 285 1.43 30.34 -13.43
C GLU C 285 2.84 30.23 -12.87
N GLU C 286 3.14 29.08 -12.27
CA GLU C 286 4.46 28.85 -11.70
C GLU C 286 5.55 28.88 -12.75
N LEU C 287 5.17 28.71 -14.01
CA LEU C 287 6.15 28.73 -15.08
C LEU C 287 6.30 30.12 -15.67
N GLY C 288 5.34 30.99 -15.38
CA GLY C 288 5.38 32.36 -15.89
C GLY C 288 4.98 32.40 -17.33
N TRP C 289 4.11 31.47 -17.71
CA TRP C 289 3.63 31.35 -19.08
C TRP C 289 2.16 31.71 -19.19
N GLN C 290 1.67 32.53 -18.26
CA GLN C 290 0.28 32.91 -18.29
C GLN C 290 -0.14 33.62 -19.56
N GLU C 291 0.78 34.34 -20.20
CA GLU C 291 0.48 35.08 -21.42
C GLU C 291 0.35 34.20 -22.66
N ASP C 292 1.31 33.29 -22.85
CA ASP C 292 1.29 32.38 -23.99
C ASP C 292 0.12 31.41 -23.88
N PHE C 293 -0.33 31.20 -22.65
CA PHE C 293 -1.42 30.27 -22.41
C PHE C 293 -2.76 30.91 -22.72
N GLU C 294 -3.01 32.09 -22.16
CA GLU C 294 -4.26 32.79 -22.38
C GLU C 294 -4.46 33.14 -23.84
N LYS C 295 -3.35 33.31 -24.57
CA LYS C 295 -3.47 33.64 -25.98
C LYS C 295 -3.86 32.37 -26.74
N ILE C 296 -3.32 31.23 -26.31
CA ILE C 296 -3.66 29.98 -26.97
C ILE C 296 -5.10 29.65 -26.67
N LEU C 297 -5.53 29.94 -25.45
CA LEU C 297 -6.91 29.66 -25.04
C LEU C 297 -7.89 30.56 -25.79
N THR C 298 -7.60 31.86 -25.82
CA THR C 298 -8.46 32.82 -26.51
C THR C 298 -8.51 32.52 -28.00
N ALA C 299 -7.35 32.22 -28.57
CA ALA C 299 -7.27 31.92 -30.01
C ALA C 299 -7.87 30.54 -30.28
N GLN C 300 -8.98 30.22 -29.62
CA GLN C 300 -9.66 28.94 -29.79
C GLN C 300 -11.14 29.06 -29.43
#